data_7Y7M
#
_entry.id   7Y7M
#
_cell.length_a   1.00
_cell.length_b   1.00
_cell.length_c   1.00
_cell.angle_alpha   90.00
_cell.angle_beta   90.00
_cell.angle_gamma   90.00
#
_symmetry.space_group_name_H-M   'P 1'
#
loop_
_entity.id
_entity.type
_entity.pdbx_description
1 polymer 'Capsid protein VP1'
2 polymer 'Capsid protein VP2'
3 polymer 'Capsid protein VP3'
4 polymer 'Capsid protein VP4'
5 polymer 'The light chain of fab 8C4'
6 polymer 'The heavy chain of fab 8C4'
7 non-polymer SPHINGOSINE
#
loop_
_entity_poly.entity_id
_entity_poly.type
_entity_poly.pdbx_seq_one_letter_code
_entity_poly.pdbx_strand_id
1 'polypeptide(L)'
;GDPIADMIDQTVNNQVNRSLTALQVLPTAANTEASSHRLGTGVVPALQAAETGASSNASDKNLIETRCVLNHHSTQETAI
GNFFSRAGLVSIITMPTMGTQNTDGYANWDIDLMGYAQLRRKCELFTYMRFDAEFTFVVAKPNGELVPQLLQYMYVPPGA
PKPTSRDSFAWQTATNPSVFVKMTDPPAQVSVPFMSPASAYQWFYDGYPTFGEHLQANDLDYGQCPNNMMGTFSIRTVGT
KKSPHSITLRVYMRIKHVRAWIPRPLRNQPYLFKTNPNYKGNDIKCTSTSRDKITTL
;
A
2 'polypeptide(L)'
;SPSAEACGYSDRVAQLTIGNSTITTQEAANIVIAYGEWPEYCPDTDATAVDKPTRPDVSVNRFFTLDTKSWAKDSKGWYW
KFPDVLTEVGVFGQNAQFHYLYRSGFCVHVQCNASKFHQGALLVAVLPEYVLGTIAGGTGNENSHPPYATTQPGQVGAVL
THPYVLDAGIPLSQLTVCPHQWINLRTNNCATIIVPYMNTVPFDSALNHCNFGLLVIPVVPLDFNAGATSEIPITVTIAP
MCAEFAGLRQAVKQ
;
B
3 'polypeptide(L)'
;GIPTELKPGTNQFLTTDDGVSAPILPGFHPTPPIHIPGEVRNLLEICRVETILEVNNLKTNETTPMQRLCFPVSVQSKTG
ELCAAFRADPGRDGPWQSTILGQLCRYYTQWSGSLEVTFMFAGSFMATGKMLIAYTPPGGSVPADRITAMLGTHVIWDFG
LQSSVTLVVPWISNTHYRAHARAGYFDYYTTGIITIWYQTNYVVPIGAPTTAYIVALAAAQDNFTMKLCKDTEDIEQTAN
IQ
;
C
4 'polypeptide(L)' MGSQVSTQRSGSHENSNSASEGSTINYTTINYYKDAYAASAGRQDMSQDPKRFTDPVMDVIHEMAPPLK D
5 'polypeptide(L)'
;DIQMTQSSSYLSVSLGGRVTITCKASDHINNWLAWYQQKPGNAPRLLISGATSLETGVPSRFSGSGSGKDYTLSITSLQT
EDVATYYCQQYWNSPYTFGGGTKLEIKRADAAPTVSIFPPSSEQLTSGGASVVCFLNNFYPKDINVKWKIDGSERQNGVL
NSWTDQDSKDSTYSMSSTLTLTKDEYERHNSYTCEATHKTSTSPIVKSFNRNEC
;
G
6 'polypeptide(L)'
;QVQLQQSGPELVKPGASVKISCKASGYAFSTSWMNWVIQRPGQGLEWIGRIYPGDGDTNYNGKFKGKATLTADKSSSTAY
MQLSSLTSVDSAVYFCARRDYGYFDYWGQGTTLTVSSAKTTPPSVYPLAPGCGDTTGSSVTLGCLVKGYFPESVTVTWNS
GSLSSSVHTFPALLQSGLYTMSSSVTVPSSTWPSQTVTCSVAHPASSTTVDKKL
;
F
#
# COMPACT_ATOMS: atom_id res chain seq x y z
N ASP A 2 -8.61 53.78 -34.50
CA ASP A 2 -8.06 55.01 -33.95
C ASP A 2 -8.91 55.67 -32.83
N PRO A 3 -10.25 55.75 -32.93
CA PRO A 3 -10.99 56.23 -31.75
C PRO A 3 -11.04 55.21 -30.63
N ILE A 4 -11.21 53.93 -30.94
CA ILE A 4 -11.25 52.88 -29.94
C ILE A 4 -9.89 52.18 -29.94
N ALA A 5 -9.24 52.18 -28.77
CA ALA A 5 -7.88 51.68 -28.69
C ALA A 5 -7.83 50.16 -28.60
N ASP A 6 -8.80 49.55 -27.90
CA ASP A 6 -8.79 48.11 -27.72
C ASP A 6 -9.31 47.36 -28.94
N MET A 7 -9.78 48.04 -29.98
CA MET A 7 -10.14 47.39 -31.22
C MET A 7 -8.97 47.30 -32.19
N ILE A 8 -7.78 47.73 -31.78
CA ILE A 8 -6.60 47.67 -32.63
C ILE A 8 -5.54 46.77 -32.00
N ARG A 18 1.64 30.01 -31.04
CA ARG A 18 2.68 29.95 -30.02
C ARG A 18 2.84 28.54 -29.48
N SER A 19 3.91 27.87 -29.89
CA SER A 19 4.22 26.52 -29.47
C SER A 19 5.34 26.54 -28.44
N LEU A 20 5.79 25.35 -28.04
CA LEU A 20 6.85 25.21 -27.04
C LEU A 20 8.08 24.48 -27.56
N THR A 21 7.89 23.40 -28.33
CA THR A 21 8.96 22.51 -28.71
C THR A 21 9.27 22.66 -30.20
N ALA A 22 10.25 21.87 -30.65
CA ALA A 22 10.68 21.88 -32.04
C ALA A 22 11.00 20.46 -32.49
N LEU A 23 10.64 20.16 -33.73
CA LEU A 23 10.90 18.84 -34.30
C LEU A 23 12.38 18.66 -34.59
N GLN A 24 12.83 17.41 -34.47
CA GLN A 24 14.24 17.08 -34.64
C GLN A 24 14.34 15.66 -35.18
N VAL A 25 15.23 15.46 -36.14
CA VAL A 25 15.44 14.14 -36.73
C VAL A 25 16.53 13.41 -35.97
N LEU A 26 16.22 12.19 -35.52
CA LEU A 26 17.10 11.40 -34.67
C LEU A 26 17.13 9.97 -35.19
N PRO A 27 18.10 9.64 -36.04
CA PRO A 27 18.14 8.29 -36.60
C PRO A 27 18.71 7.25 -35.66
N THR A 28 19.44 7.65 -34.63
CA THR A 28 20.10 6.73 -33.72
C THR A 28 19.82 7.14 -32.28
N ALA A 29 20.04 6.20 -31.37
CA ALA A 29 20.00 6.49 -29.95
C ALA A 29 21.14 7.42 -29.55
N ALA A 30 20.92 8.17 -28.49
CA ALA A 30 21.86 9.20 -28.07
C ALA A 30 23.11 8.60 -27.44
N ASN A 31 24.22 9.29 -27.61
CA ASN A 31 25.49 8.88 -27.06
C ASN A 31 25.57 9.23 -25.58
N THR A 32 26.56 8.65 -24.90
CA THR A 32 26.85 8.93 -23.50
C THR A 32 28.25 9.50 -23.40
N GLU A 33 28.35 10.75 -22.96
CA GLU A 33 29.63 11.42 -22.84
C GLU A 33 30.30 11.10 -21.52
N ALA A 34 31.62 11.27 -21.49
CA ALA A 34 32.39 10.93 -20.31
C ALA A 34 32.19 11.96 -19.21
N SER A 35 32.28 11.50 -17.97
CA SER A 35 32.02 12.35 -16.81
C SER A 35 32.98 11.99 -15.70
N SER A 36 33.13 12.92 -14.76
CA SER A 36 33.95 12.70 -13.58
C SER A 36 33.17 13.09 -12.34
N HIS A 37 33.83 13.13 -11.20
CA HIS A 37 33.14 13.39 -9.94
C HIS A 37 32.91 14.89 -9.77
N ARG A 38 31.71 15.25 -9.32
CA ARG A 38 31.39 16.61 -8.95
C ARG A 38 31.09 16.66 -7.46
N LEU A 39 31.59 17.68 -6.79
CA LEU A 39 31.35 17.90 -5.36
C LEU A 39 31.11 19.39 -5.19
N GLY A 40 29.85 19.78 -5.10
CA GLY A 40 29.53 21.20 -5.03
C GLY A 40 28.30 21.54 -4.23
N THR A 41 27.81 22.76 -4.41
CA THR A 41 26.67 23.28 -3.66
C THR A 41 25.84 24.14 -4.60
N GLY A 42 24.53 23.91 -4.63
CA GLY A 42 23.64 24.69 -5.45
C GLY A 42 23.24 24.03 -6.75
N VAL A 43 23.77 22.86 -7.03
CA VAL A 43 23.51 22.13 -8.26
C VAL A 43 23.10 20.71 -7.90
N VAL A 44 21.79 20.45 -7.90
CA VAL A 44 21.27 19.16 -7.50
C VAL A 44 20.49 18.54 -8.66
N PRO A 45 21.15 17.81 -9.55
CA PRO A 45 20.43 17.24 -10.70
C PRO A 45 19.54 16.07 -10.37
N ALA A 46 19.75 15.39 -9.23
CA ALA A 46 18.95 14.22 -8.91
C ALA A 46 17.59 14.59 -8.35
N LEU A 47 17.53 15.63 -7.52
CA LEU A 47 16.28 16.05 -6.91
C LEU A 47 15.37 16.68 -7.96
N GLN A 48 14.19 16.11 -8.13
CA GLN A 48 13.21 16.59 -9.09
C GLN A 48 11.93 17.04 -8.37
N ALA A 49 10.91 17.34 -9.17
CA ALA A 49 9.60 17.73 -8.66
C ALA A 49 8.56 17.04 -9.53
N ALA A 50 8.01 15.93 -9.05
CA ALA A 50 7.04 15.16 -9.82
C ALA A 50 5.67 15.80 -9.88
N GLU A 51 5.40 16.80 -9.06
CA GLU A 51 4.11 17.46 -9.05
C GLU A 51 3.93 18.43 -10.21
N THR A 52 4.99 18.78 -10.91
CA THR A 52 4.91 19.75 -11.99
C THR A 52 4.38 19.17 -13.28
N GLY A 53 4.20 17.85 -13.36
CA GLY A 53 3.77 17.22 -14.57
C GLY A 53 4.89 16.88 -15.55
N ALA A 54 6.11 17.31 -15.27
CA ALA A 54 7.22 17.06 -16.16
C ALA A 54 7.97 15.82 -15.73
N SER A 55 8.41 15.03 -16.70
CA SER A 55 9.22 13.88 -16.41
C SER A 55 10.64 14.31 -16.03
N SER A 56 11.34 13.42 -15.36
CA SER A 56 12.67 13.74 -14.84
C SER A 56 13.68 13.81 -15.97
N ASN A 57 14.35 14.95 -16.09
CA ASN A 57 15.30 15.20 -17.16
C ASN A 57 16.74 14.90 -16.73
N ALA A 58 16.92 14.20 -15.62
CA ALA A 58 18.26 13.85 -15.15
C ALA A 58 18.87 12.79 -16.05
N SER A 59 20.02 13.12 -16.63
CA SER A 59 20.74 12.18 -17.50
C SER A 59 21.53 11.20 -16.65
N ASP A 60 22.09 10.20 -17.33
CA ASP A 60 22.93 9.22 -16.66
C ASP A 60 24.28 9.79 -16.29
N LYS A 61 24.74 10.82 -17.01
CA LYS A 61 26.02 11.43 -16.73
C LYS A 61 25.99 12.38 -15.55
N ASN A 62 24.81 12.75 -15.08
CA ASN A 62 24.66 13.62 -13.92
C ASN A 62 24.44 12.83 -12.63
N LEU A 63 24.62 11.53 -12.66
CA LEU A 63 24.44 10.75 -11.44
C LEU A 63 25.58 9.78 -11.17
N ILE A 64 26.17 9.18 -12.19
CA ILE A 64 27.28 8.26 -11.98
C ILE A 64 28.49 8.73 -12.79
N GLU A 65 29.57 7.95 -12.74
CA GLU A 65 30.80 8.25 -13.45
C GLU A 65 30.82 7.41 -14.72
N THR A 66 30.59 8.05 -15.87
CA THR A 66 30.30 7.36 -17.11
C THR A 66 31.50 7.32 -18.05
N ARG A 67 31.34 6.58 -19.14
CA ARG A 67 32.32 6.40 -20.20
C ARG A 67 31.90 7.20 -21.43
N CYS A 68 32.63 7.02 -22.51
CA CYS A 68 32.30 7.63 -23.80
C CYS A 68 31.85 6.52 -24.75
N VAL A 69 30.55 6.41 -24.95
CA VAL A 69 29.94 5.34 -25.73
C VAL A 69 29.28 5.95 -26.96
N LEU A 70 29.65 5.45 -28.14
CA LEU A 70 29.08 5.91 -29.40
C LEU A 70 28.04 4.91 -29.85
N ASN A 71 26.77 5.23 -29.58
CA ASN A 71 25.67 4.31 -29.86
C ASN A 71 25.26 4.39 -31.32
N HIS A 72 25.14 3.23 -31.96
CA HIS A 72 24.69 3.12 -33.34
C HIS A 72 23.40 2.33 -33.42
N HIS A 73 22.53 2.51 -32.43
CA HIS A 73 21.30 1.76 -32.32
C HIS A 73 20.18 2.53 -32.98
N SER A 74 19.56 1.93 -33.99
CA SER A 74 18.58 2.63 -34.83
C SER A 74 17.20 2.60 -34.21
N THR A 75 16.44 3.65 -34.48
CA THR A 75 15.10 3.85 -33.94
C THR A 75 14.06 3.82 -35.05
N GLN A 76 14.21 2.93 -36.02
CA GLN A 76 13.27 2.88 -37.13
C GLN A 76 12.14 1.89 -36.89
N GLU A 77 12.41 0.77 -36.23
CA GLU A 77 11.39 -0.23 -36.01
C GLU A 77 10.39 0.14 -34.93
N THR A 78 10.62 1.24 -34.21
CA THR A 78 9.69 1.72 -33.20
C THR A 78 8.73 2.76 -33.77
N ALA A 79 8.80 3.01 -35.08
CA ALA A 79 7.92 3.98 -35.70
C ALA A 79 6.50 3.42 -35.80
N ILE A 80 5.55 4.35 -35.96
CA ILE A 80 4.15 3.97 -36.06
C ILE A 80 3.89 3.25 -37.37
N GLY A 81 4.61 3.61 -38.43
CA GLY A 81 4.41 2.97 -39.72
C GLY A 81 4.94 1.56 -39.79
N ASN A 82 5.85 1.19 -38.90
CA ASN A 82 6.35 -0.17 -38.81
C ASN A 82 5.73 -0.95 -37.66
N PHE A 83 4.98 -0.29 -36.80
CA PHE A 83 4.24 -0.95 -35.74
C PHE A 83 2.88 -1.42 -36.21
N PHE A 84 2.35 -0.83 -37.29
CA PHE A 84 1.02 -1.13 -37.78
C PHE A 84 1.01 -1.84 -39.13
N SER A 85 2.16 -1.98 -39.79
CA SER A 85 2.21 -2.61 -41.11
C SER A 85 2.40 -4.12 -40.99
N ARG A 86 1.53 -4.75 -40.21
CA ARG A 86 1.46 -6.19 -40.08
C ARG A 86 -0.01 -6.56 -40.17
N ALA A 87 -0.33 -7.51 -41.04
CA ALA A 87 -1.72 -7.82 -41.33
C ALA A 87 -2.34 -8.64 -40.22
N GLY A 88 -3.47 -8.17 -39.69
CA GLY A 88 -4.17 -8.83 -38.63
C GLY A 88 -5.59 -9.16 -39.03
N LEU A 89 -6.14 -10.19 -38.41
CA LEU A 89 -7.46 -10.69 -38.77
C LEU A 89 -8.55 -9.74 -38.29
N VAL A 90 -9.54 -9.50 -39.15
CA VAL A 90 -10.61 -8.55 -38.81
C VAL A 90 -11.98 -9.19 -38.87
N SER A 91 -12.16 -10.24 -39.67
CA SER A 91 -13.46 -10.90 -39.73
C SER A 91 -13.31 -12.34 -40.17
N ILE A 92 -14.32 -13.13 -39.82
CA ILE A 92 -14.51 -14.49 -40.32
C ILE A 92 -15.96 -14.57 -40.79
N ILE A 93 -16.17 -14.55 -42.11
CA ILE A 93 -17.49 -14.66 -42.70
C ILE A 93 -17.73 -16.10 -43.12
N THR A 94 -18.85 -16.67 -42.70
CA THR A 94 -19.12 -18.08 -42.89
C THR A 94 -20.44 -18.28 -43.63
N MET A 95 -20.40 -19.05 -44.73
CA MET A 95 -21.58 -19.51 -45.44
C MET A 95 -21.74 -21.00 -45.22
N PRO A 96 -22.58 -21.45 -44.30
CA PRO A 96 -22.83 -22.88 -44.17
C PRO A 96 -23.94 -23.34 -45.10
N THR A 97 -23.87 -24.62 -45.49
CA THR A 97 -24.94 -25.19 -46.29
C THR A 97 -26.12 -25.56 -45.42
N MET A 98 -25.87 -26.26 -44.31
CA MET A 98 -26.87 -26.50 -43.29
C MET A 98 -26.56 -25.63 -42.08
N GLY A 99 -27.61 -25.20 -41.38
CA GLY A 99 -27.40 -24.38 -40.22
C GLY A 99 -28.39 -23.25 -40.06
N THR A 100 -27.95 -22.14 -39.46
CA THR A 100 -28.82 -21.02 -39.15
C THR A 100 -28.37 -19.70 -39.72
N GLN A 101 -27.08 -19.53 -40.04
CA GLN A 101 -26.55 -18.20 -40.31
C GLN A 101 -26.84 -17.73 -41.73
N ASN A 102 -26.23 -18.37 -42.72
CA ASN A 102 -26.23 -17.90 -44.11
C ASN A 102 -26.48 -19.07 -45.05
N THR A 103 -27.56 -19.82 -44.83
CA THR A 103 -27.79 -21.05 -45.55
C THR A 103 -28.16 -20.85 -47.02
N ASP A 104 -28.57 -19.64 -47.41
CA ASP A 104 -29.06 -19.40 -48.76
C ASP A 104 -28.03 -18.71 -49.65
N GLY A 105 -26.75 -19.04 -49.49
CA GLY A 105 -25.73 -18.72 -50.46
C GLY A 105 -25.17 -17.32 -50.44
N TYR A 106 -25.72 -16.41 -49.64
CA TYR A 106 -25.19 -15.06 -49.54
C TYR A 106 -25.01 -14.69 -48.07
N ALA A 107 -24.20 -13.67 -47.84
CA ALA A 107 -23.93 -13.19 -46.49
C ALA A 107 -23.57 -11.72 -46.55
N ASN A 108 -24.05 -10.96 -45.58
CA ASN A 108 -23.68 -9.56 -45.40
C ASN A 108 -22.94 -9.42 -44.09
N TRP A 109 -22.08 -8.42 -44.01
CA TRP A 109 -21.30 -8.17 -42.80
C TRP A 109 -21.03 -6.68 -42.68
N ASP A 110 -21.54 -6.06 -41.62
CA ASP A 110 -21.29 -4.65 -41.37
C ASP A 110 -19.83 -4.43 -41.01
N ILE A 111 -19.26 -3.34 -41.54
CA ILE A 111 -17.83 -3.08 -41.42
C ILE A 111 -17.58 -2.50 -40.03
N ASP A 112 -17.17 -3.35 -39.10
CA ASP A 112 -16.68 -2.92 -37.79
C ASP A 112 -15.40 -3.72 -37.56
N LEU A 113 -14.27 -3.04 -37.64
CA LEU A 113 -12.96 -3.69 -37.61
C LEU A 113 -12.48 -3.98 -36.20
N MET A 114 -13.36 -3.97 -35.20
CA MET A 114 -12.96 -4.01 -33.80
C MET A 114 -13.57 -5.20 -33.09
N GLY A 115 -13.44 -6.39 -33.67
CA GLY A 115 -14.06 -7.56 -33.08
C GLY A 115 -13.07 -8.64 -32.70
N TYR A 116 -11.80 -8.42 -33.02
CA TYR A 116 -10.71 -9.31 -32.64
C TYR A 116 -9.68 -8.53 -31.85
N ALA A 117 -9.22 -9.12 -30.75
CA ALA A 117 -8.62 -8.36 -29.67
C ALA A 117 -7.21 -7.89 -29.95
N GLN A 118 -6.46 -8.59 -30.80
CA GLN A 118 -5.05 -8.25 -30.98
C GLN A 118 -4.88 -6.98 -31.80
N LEU A 119 -5.64 -6.84 -32.88
CA LEU A 119 -5.60 -5.60 -33.64
C LEU A 119 -6.36 -4.48 -32.94
N ARG A 120 -7.26 -4.81 -32.04
CA ARG A 120 -8.03 -3.78 -31.34
C ARG A 120 -7.20 -3.07 -30.30
N ARG A 121 -6.40 -3.81 -29.53
CA ARG A 121 -5.58 -3.21 -28.49
C ARG A 121 -4.44 -2.38 -29.05
N LYS A 122 -4.02 -2.64 -30.29
CA LYS A 122 -2.99 -1.82 -30.91
C LYS A 122 -3.58 -0.53 -31.45
N CYS A 123 -4.77 -0.59 -32.04
CA CYS A 123 -5.40 0.62 -32.56
C CYS A 123 -5.93 1.51 -31.46
N GLU A 124 -6.24 0.95 -30.28
CA GLU A 124 -6.77 1.73 -29.18
C GLU A 124 -5.70 2.28 -28.26
N LEU A 125 -4.43 2.26 -28.67
CA LEU A 125 -3.42 3.03 -27.99
C LEU A 125 -3.61 4.51 -28.25
N PHE A 126 -4.12 4.86 -29.43
CA PHE A 126 -4.36 6.23 -29.82
C PHE A 126 -5.86 6.53 -29.83
N THR A 127 -6.19 7.81 -29.82
CA THR A 127 -7.57 8.23 -29.91
C THR A 127 -8.01 8.43 -31.35
N TYR A 128 -7.24 9.18 -32.12
CA TYR A 128 -7.54 9.46 -33.52
C TYR A 128 -6.47 8.87 -34.42
N MET A 129 -6.89 8.26 -35.52
CA MET A 129 -5.99 7.67 -36.50
C MET A 129 -6.52 7.92 -37.89
N ARG A 130 -5.61 8.15 -38.84
CA ARG A 130 -5.95 8.48 -40.22
C ARG A 130 -5.02 7.69 -41.12
N PHE A 131 -5.57 6.71 -41.83
CA PHE A 131 -4.71 5.77 -42.54
C PHE A 131 -5.39 5.30 -43.82
N ASP A 132 -4.63 4.53 -44.60
CA ASP A 132 -5.11 3.76 -45.73
C ASP A 132 -4.98 2.28 -45.40
N ALA A 133 -5.86 1.48 -45.98
CA ALA A 133 -5.98 0.08 -45.62
C ALA A 133 -5.59 -0.80 -46.80
N GLU A 134 -5.52 -2.10 -46.52
CA GLU A 134 -5.21 -3.10 -47.53
C GLU A 134 -5.81 -4.42 -47.06
N PHE A 135 -6.88 -4.86 -47.72
CA PHE A 135 -7.62 -6.03 -47.30
C PHE A 135 -7.25 -7.23 -48.15
N THR A 136 -7.09 -8.38 -47.51
CA THR A 136 -6.76 -9.63 -48.18
C THR A 136 -7.81 -10.66 -47.80
N PHE A 137 -8.28 -11.41 -48.79
CA PHE A 137 -9.42 -12.31 -48.63
C PHE A 137 -8.96 -13.75 -48.83
N VAL A 138 -8.96 -14.53 -47.77
CA VAL A 138 -8.49 -15.92 -47.78
C VAL A 138 -9.70 -16.83 -47.59
N VAL A 139 -10.09 -17.53 -48.66
CA VAL A 139 -11.23 -18.44 -48.63
C VAL A 139 -10.74 -19.87 -48.56
N ALA A 140 -11.52 -20.70 -47.87
CA ALA A 140 -11.32 -22.14 -47.81
C ALA A 140 -12.63 -22.75 -47.33
N LYS A 141 -12.66 -24.07 -47.32
CA LYS A 141 -13.70 -24.81 -46.64
C LYS A 141 -13.42 -24.78 -45.14
N PRO A 142 -14.38 -25.18 -44.29
CA PRO A 142 -14.03 -25.39 -42.88
C PRO A 142 -13.07 -26.55 -42.65
N ASN A 143 -12.97 -27.48 -43.60
CA ASN A 143 -11.96 -28.51 -43.58
C ASN A 143 -10.56 -27.97 -43.79
N GLY A 144 -10.43 -26.83 -44.46
CA GLY A 144 -9.16 -26.34 -44.94
C GLY A 144 -8.91 -26.61 -46.41
N GLU A 145 -9.77 -27.39 -47.06
CA GLU A 145 -9.58 -27.77 -48.43
C GLU A 145 -10.07 -26.68 -49.38
N LEU A 146 -9.81 -26.87 -50.67
CA LEU A 146 -10.20 -25.94 -51.70
C LEU A 146 -10.82 -26.70 -52.85
N VAL A 147 -11.98 -26.22 -53.31
CA VAL A 147 -12.70 -26.82 -54.44
C VAL A 147 -12.96 -25.71 -55.45
N PRO A 148 -13.05 -26.00 -56.76
CA PRO A 148 -13.23 -24.92 -57.74
C PRO A 148 -14.61 -24.30 -57.72
N GLN A 149 -14.72 -23.07 -57.21
CA GLN A 149 -15.99 -22.37 -57.11
C GLN A 149 -15.75 -20.88 -57.21
N LEU A 150 -16.58 -20.20 -58.00
CA LEU A 150 -16.46 -18.77 -58.23
C LEU A 150 -17.28 -18.01 -57.20
N LEU A 151 -16.71 -16.94 -56.67
CA LEU A 151 -17.31 -16.13 -55.63
C LEU A 151 -17.38 -14.68 -56.09
N GLN A 152 -17.98 -13.83 -55.28
CA GLN A 152 -18.05 -12.40 -55.58
C GLN A 152 -18.15 -11.62 -54.29
N TYR A 153 -17.18 -10.74 -54.04
CA TYR A 153 -17.27 -9.80 -52.94
C TYR A 153 -17.63 -8.43 -53.49
N MET A 154 -18.42 -7.68 -52.74
CA MET A 154 -18.87 -6.37 -53.21
C MET A 154 -18.92 -5.40 -52.05
N TYR A 155 -18.26 -4.26 -52.21
CA TYR A 155 -18.29 -3.20 -51.21
C TYR A 155 -19.56 -2.39 -51.41
N VAL A 156 -20.43 -2.40 -50.41
CA VAL A 156 -21.70 -1.68 -50.46
C VAL A 156 -21.55 -0.44 -49.59
N PRO A 157 -21.48 0.76 -50.17
CA PRO A 157 -21.34 1.98 -49.38
C PRO A 157 -22.62 2.29 -48.63
N PRO A 158 -22.60 3.17 -47.62
CA PRO A 158 -23.82 3.48 -46.87
C PRO A 158 -24.85 4.18 -47.75
N GLY A 159 -26.09 3.70 -47.66
CA GLY A 159 -27.18 4.21 -48.46
C GLY A 159 -27.43 3.43 -49.73
N ALA A 160 -26.46 2.64 -50.19
CA ALA A 160 -26.63 1.81 -51.36
C ALA A 160 -27.54 0.63 -51.03
N PRO A 161 -28.20 0.04 -52.03
CA PRO A 161 -29.05 -1.12 -51.75
C PRO A 161 -28.24 -2.34 -51.33
N LYS A 162 -28.73 -3.01 -50.33
CA LYS A 162 -28.06 -4.22 -49.89
C LYS A 162 -28.70 -5.43 -50.53
N PRO A 163 -27.92 -6.47 -50.79
CA PRO A 163 -28.49 -7.69 -51.36
C PRO A 163 -29.37 -8.43 -50.38
N THR A 164 -30.44 -9.04 -50.92
CA THR A 164 -31.36 -9.85 -50.15
C THR A 164 -31.41 -11.29 -50.61
N SER A 165 -30.76 -11.63 -51.73
CA SER A 165 -30.76 -12.99 -52.26
C SER A 165 -29.54 -13.14 -53.15
N ARG A 166 -29.40 -14.32 -53.74
CA ARG A 166 -28.36 -14.56 -54.72
C ARG A 166 -28.70 -13.93 -56.06
N ASP A 167 -29.97 -13.68 -56.32
CA ASP A 167 -30.45 -13.17 -57.60
C ASP A 167 -31.03 -11.77 -57.47
N SER A 168 -30.45 -10.96 -56.60
CA SER A 168 -30.92 -9.59 -56.42
C SER A 168 -30.39 -8.71 -57.54
N PHE A 169 -30.97 -7.52 -57.65
CA PHE A 169 -30.49 -6.53 -58.60
C PHE A 169 -29.23 -5.82 -58.11
N ALA A 170 -28.89 -5.97 -56.84
CA ALA A 170 -27.72 -5.29 -56.29
C ALA A 170 -26.41 -5.88 -56.80
N TRP A 171 -26.46 -7.07 -57.38
CA TRP A 171 -25.29 -7.70 -57.94
C TRP A 171 -24.99 -7.27 -59.36
N GLN A 172 -25.69 -6.25 -59.88
CA GLN A 172 -25.39 -5.76 -61.22
C GLN A 172 -24.04 -5.06 -61.28
N THR A 173 -23.59 -4.52 -60.14
CA THR A 173 -22.33 -3.79 -59.96
C THR A 173 -22.14 -2.69 -60.99
N ALA A 174 -23.13 -1.81 -61.05
CA ALA A 174 -23.05 -0.69 -61.97
C ALA A 174 -22.15 0.42 -61.46
N THR A 175 -22.12 0.64 -60.15
CA THR A 175 -21.32 1.72 -59.58
C THR A 175 -20.50 1.20 -58.41
N ASN A 176 -20.99 0.18 -57.74
CA ASN A 176 -20.30 -0.36 -56.56
C ASN A 176 -19.05 -1.13 -56.97
N PRO A 177 -17.98 -1.03 -56.20
CA PRO A 177 -16.78 -1.83 -56.49
C PRO A 177 -16.99 -3.28 -56.08
N SER A 178 -16.55 -4.19 -56.94
CA SER A 178 -16.65 -5.61 -56.66
C SER A 178 -15.43 -6.32 -57.23
N VAL A 179 -15.29 -7.60 -56.89
CA VAL A 179 -14.16 -8.40 -57.34
C VAL A 179 -14.60 -9.86 -57.46
N PHE A 180 -14.33 -10.47 -58.60
CA PHE A 180 -14.67 -11.85 -58.88
C PHE A 180 -13.43 -12.72 -58.71
N VAL A 181 -13.56 -13.76 -57.91
CA VAL A 181 -12.42 -14.59 -57.54
C VAL A 181 -12.88 -16.04 -57.51
N LYS A 182 -11.97 -16.95 -57.85
CA LYS A 182 -12.20 -18.37 -57.66
C LYS A 182 -11.75 -18.73 -56.24
N MET A 183 -11.80 -20.03 -55.93
CA MET A 183 -11.25 -20.46 -54.65
C MET A 183 -9.83 -20.97 -54.75
N THR A 184 -9.42 -21.42 -55.93
CA THR A 184 -8.11 -22.04 -56.10
C THR A 184 -7.02 -21.06 -56.49
N ASP A 185 -7.34 -19.80 -56.77
CA ASP A 185 -6.35 -18.83 -57.17
C ASP A 185 -5.75 -18.19 -55.91
N PRO A 186 -4.73 -17.34 -56.03
CA PRO A 186 -4.24 -16.59 -54.86
C PRO A 186 -5.30 -15.69 -54.25
N PRO A 187 -5.10 -15.26 -52.99
CA PRO A 187 -6.05 -14.33 -52.36
C PRO A 187 -6.14 -12.98 -53.06
N ALA A 188 -7.19 -12.24 -52.72
CA ALA A 188 -7.52 -11.00 -53.40
C ALA A 188 -7.14 -9.81 -52.52
N GLN A 189 -6.27 -8.96 -53.04
CA GLN A 189 -5.85 -7.75 -52.34
C GLN A 189 -6.43 -6.52 -53.01
N VAL A 190 -6.95 -5.61 -52.19
CA VAL A 190 -7.47 -4.34 -52.65
C VAL A 190 -6.97 -3.25 -51.71
N SER A 191 -6.83 -2.04 -52.23
CA SER A 191 -6.46 -0.87 -51.44
C SER A 191 -7.69 0.00 -51.21
N VAL A 192 -7.89 0.42 -49.98
CA VAL A 192 -9.03 1.24 -49.57
C VAL A 192 -8.48 2.57 -49.05
N PRO A 193 -9.01 3.70 -49.51
CA PRO A 193 -8.49 4.99 -49.05
C PRO A 193 -9.02 5.38 -47.67
N PHE A 194 -8.69 6.59 -47.26
CA PHE A 194 -9.29 7.17 -46.05
C PHE A 194 -10.66 7.72 -46.42
N MET A 195 -11.72 7.13 -45.86
CA MET A 195 -13.07 7.35 -46.34
C MET A 195 -13.98 8.01 -45.32
N SER A 196 -13.45 8.63 -44.34
CA SER A 196 -14.34 9.21 -43.35
C SER A 196 -14.77 10.61 -43.74
N PRO A 197 -15.97 11.05 -43.36
CA PRO A 197 -16.34 12.45 -43.58
C PRO A 197 -15.67 13.43 -42.64
N ALA A 198 -14.97 12.95 -41.62
CA ALA A 198 -14.16 13.77 -40.75
C ALA A 198 -12.69 13.60 -41.11
N SER A 199 -11.80 14.16 -40.28
CA SER A 199 -10.38 14.19 -40.60
C SER A 199 -9.62 12.97 -40.10
N ALA A 200 -10.23 12.15 -39.24
CA ALA A 200 -9.58 11.01 -38.62
C ALA A 200 -10.67 10.10 -38.06
N TYR A 201 -10.32 8.85 -37.88
CA TYR A 201 -11.22 7.90 -37.24
C TYR A 201 -11.16 8.07 -35.73
N GLN A 202 -12.32 7.98 -35.08
CA GLN A 202 -12.40 8.01 -33.63
C GLN A 202 -12.75 6.62 -33.13
N TRP A 203 -11.84 6.03 -32.37
CA TRP A 203 -12.16 4.80 -31.66
C TRP A 203 -12.84 5.05 -30.33
N PHE A 204 -12.91 6.32 -29.91
CA PHE A 204 -13.57 6.70 -28.66
C PHE A 204 -14.35 7.98 -28.93
N TYR A 205 -15.67 7.87 -28.95
CA TYR A 205 -16.56 9.01 -29.19
C TYR A 205 -17.40 9.21 -27.93
N ASP A 206 -17.06 10.21 -27.13
CA ASP A 206 -17.81 10.53 -25.92
C ASP A 206 -18.97 11.44 -26.30
N GLY A 207 -20.05 10.83 -26.74
CA GLY A 207 -21.23 11.59 -27.10
C GLY A 207 -22.23 10.74 -27.85
N TYR A 208 -23.42 11.30 -28.01
CA TYR A 208 -24.57 10.80 -28.72
C TYR A 208 -24.60 11.37 -30.14
N PRO A 209 -24.93 10.56 -31.14
CA PRO A 209 -24.88 11.07 -32.52
C PRO A 209 -26.03 11.98 -32.87
N THR A 210 -27.12 11.95 -32.12
CA THR A 210 -28.32 12.72 -32.43
C THR A 210 -28.66 13.65 -31.29
N PHE A 211 -29.64 14.50 -31.53
CA PHE A 211 -30.27 15.31 -30.51
C PHE A 211 -31.38 14.49 -29.85
N GLY A 212 -32.21 15.14 -29.05
CA GLY A 212 -33.37 14.44 -28.54
C GLY A 212 -33.25 14.13 -27.06
N GLU A 213 -34.40 14.02 -26.41
CA GLU A 213 -34.45 13.67 -25.00
C GLU A 213 -34.04 12.22 -24.83
N HIS A 214 -33.01 11.99 -24.01
CA HIS A 214 -32.37 10.68 -23.91
C HIS A 214 -33.06 9.87 -22.82
N LEU A 215 -33.63 8.74 -23.21
CA LEU A 215 -34.23 7.80 -22.29
C LEU A 215 -33.31 6.59 -22.11
N GLN A 216 -33.78 5.63 -21.31
CA GLN A 216 -33.07 4.38 -21.18
C GLN A 216 -33.32 3.46 -22.36
N ALA A 217 -34.42 3.66 -23.07
CA ALA A 217 -34.73 2.82 -24.22
C ALA A 217 -33.82 3.14 -25.40
N ASN A 218 -33.71 4.42 -25.76
CA ASN A 218 -32.77 4.84 -26.80
C ASN A 218 -31.43 5.27 -26.19
N ASP A 219 -30.86 4.35 -25.41
CA ASP A 219 -29.60 4.59 -24.74
C ASP A 219 -28.46 3.75 -25.28
N LEU A 220 -28.73 2.88 -26.27
CA LEU A 220 -27.67 2.14 -26.94
C LEU A 220 -27.13 2.90 -28.15
N ASP A 221 -26.87 4.19 -27.93
CA ASP A 221 -26.24 5.05 -28.90
C ASP A 221 -25.14 5.90 -28.28
N TYR A 222 -24.89 5.74 -26.99
CA TYR A 222 -23.76 6.40 -26.35
C TYR A 222 -22.47 5.76 -26.83
N GLY A 223 -21.70 6.49 -27.62
CA GLY A 223 -20.45 5.99 -28.16
C GLY A 223 -20.48 5.65 -29.63
N GLN A 224 -21.61 5.80 -30.29
CA GLN A 224 -21.77 5.40 -31.69
C GLN A 224 -21.62 6.64 -32.57
N CYS A 225 -20.44 6.80 -33.14
CA CYS A 225 -20.19 7.88 -34.08
C CYS A 225 -20.54 7.43 -35.49
N PRO A 226 -21.30 8.21 -36.25
CA PRO A 226 -21.60 7.82 -37.64
C PRO A 226 -20.43 8.01 -38.57
N ASN A 227 -19.34 8.64 -38.15
CA ASN A 227 -18.21 8.90 -39.03
C ASN A 227 -17.38 7.66 -39.30
N ASN A 228 -17.54 6.59 -38.51
CA ASN A 228 -16.84 5.35 -38.74
C ASN A 228 -17.72 4.27 -39.35
N MET A 229 -19.00 4.56 -39.58
CA MET A 229 -19.89 3.65 -40.29
C MET A 229 -19.49 3.61 -41.76
N MET A 230 -19.08 2.45 -42.25
CA MET A 230 -18.46 2.36 -43.57
C MET A 230 -19.15 1.42 -44.55
N GLY A 231 -20.27 0.79 -44.17
CA GLY A 231 -21.04 0.01 -45.12
C GLY A 231 -20.99 -1.48 -44.81
N THR A 232 -20.93 -2.28 -45.88
CA THR A 232 -21.15 -3.71 -45.79
C THR A 232 -20.32 -4.43 -46.84
N PHE A 233 -19.66 -5.52 -46.44
CA PHE A 233 -19.16 -6.52 -47.38
C PHE A 233 -20.26 -7.52 -47.68
N SER A 234 -20.63 -7.63 -48.95
CA SER A 234 -21.59 -8.62 -49.39
C SER A 234 -20.89 -9.70 -50.20
N ILE A 235 -21.03 -10.94 -49.77
CA ILE A 235 -20.39 -12.08 -50.40
C ILE A 235 -21.49 -12.94 -50.98
N ARG A 236 -21.20 -13.61 -52.10
CA ARG A 236 -22.14 -14.58 -52.66
C ARG A 236 -21.39 -15.59 -53.49
N THR A 237 -22.04 -16.74 -53.70
CA THR A 237 -21.64 -17.71 -54.71
C THR A 237 -22.42 -17.39 -55.98
N VAL A 238 -21.71 -17.14 -57.07
CA VAL A 238 -22.34 -16.60 -58.27
C VAL A 238 -23.08 -17.71 -58.99
N GLY A 239 -24.40 -17.62 -58.99
CA GLY A 239 -25.24 -18.60 -59.66
C GLY A 239 -26.66 -18.58 -59.13
N THR A 240 -27.63 -18.81 -60.01
CA THR A 240 -29.01 -18.94 -59.56
C THR A 240 -29.22 -20.23 -58.80
N LYS A 241 -28.51 -21.28 -59.17
CA LYS A 241 -28.53 -22.54 -58.43
C LYS A 241 -27.70 -22.41 -57.15
N LYS A 242 -27.80 -23.43 -56.30
CA LYS A 242 -27.06 -23.45 -55.05
C LYS A 242 -25.88 -24.41 -55.16
N SER A 243 -24.74 -24.01 -54.61
CA SER A 243 -23.54 -24.83 -54.62
C SER A 243 -23.49 -25.73 -53.40
N PRO A 244 -23.04 -26.98 -53.55
CA PRO A 244 -22.93 -27.90 -52.41
C PRO A 244 -21.60 -27.79 -51.67
N HIS A 245 -21.26 -26.57 -51.24
CA HIS A 245 -19.97 -26.33 -50.62
C HIS A 245 -20.11 -25.26 -49.56
N SER A 246 -19.44 -25.46 -48.44
CA SER A 246 -19.39 -24.49 -47.36
C SER A 246 -18.17 -23.60 -47.53
N ILE A 247 -18.36 -22.30 -47.29
CA ILE A 247 -17.33 -21.30 -47.52
C ILE A 247 -17.11 -20.53 -46.22
N THR A 248 -15.87 -20.53 -45.73
CA THR A 248 -15.46 -19.66 -44.63
C THR A 248 -14.37 -18.72 -45.14
N LEU A 249 -14.59 -17.43 -44.99
CA LEU A 249 -13.68 -16.41 -45.50
C LEU A 249 -13.12 -15.60 -44.34
N ARG A 250 -11.80 -15.41 -44.34
CA ARG A 250 -11.10 -14.63 -43.33
C ARG A 250 -10.47 -13.42 -43.99
N VAL A 251 -10.73 -12.24 -43.45
CA VAL A 251 -10.24 -10.98 -44.00
C VAL A 251 -9.12 -10.46 -43.09
N TYR A 252 -8.07 -9.92 -43.70
CA TYR A 252 -6.91 -9.41 -43.00
C TYR A 252 -6.64 -7.97 -43.42
N MET A 253 -6.49 -7.07 -42.45
CA MET A 253 -6.30 -5.66 -42.72
C MET A 253 -4.87 -5.25 -42.39
N ARG A 254 -4.26 -4.48 -43.29
CA ARG A 254 -2.92 -3.94 -43.11
C ARG A 254 -2.98 -2.42 -43.22
N ILE A 255 -2.36 -1.74 -42.26
CA ILE A 255 -2.43 -0.29 -42.15
C ILE A 255 -1.30 0.34 -42.95
N LYS A 256 -1.64 1.33 -43.78
CA LYS A 256 -0.68 2.10 -44.56
C LYS A 256 -0.89 3.59 -44.33
N HIS A 257 0.21 4.35 -44.44
CA HIS A 257 0.21 5.82 -44.48
C HIS A 257 -0.45 6.44 -43.24
N VAL A 258 0.06 6.08 -42.08
CA VAL A 258 -0.66 6.25 -40.83
C VAL A 258 -0.21 7.53 -40.14
N ARG A 259 -1.17 8.29 -39.64
CA ARG A 259 -0.94 9.33 -38.66
C ARG A 259 -1.75 8.99 -37.42
N ALA A 260 -1.32 9.53 -36.28
CA ALA A 260 -1.96 9.17 -35.02
C ALA A 260 -1.80 10.31 -34.03
N TRP A 261 -2.81 10.48 -33.18
CA TRP A 261 -2.86 11.56 -32.21
C TRP A 261 -3.37 11.03 -30.88
N ILE A 262 -2.99 11.72 -29.81
CA ILE A 262 -3.52 11.57 -28.44
C ILE A 262 -3.36 10.15 -27.90
N PRO A 263 -2.17 9.77 -27.43
CA PRO A 263 -1.99 8.42 -26.88
C PRO A 263 -2.77 8.21 -25.58
N ARG A 264 -3.19 6.97 -25.37
CA ARG A 264 -4.10 6.58 -24.29
C ARG A 264 -3.48 5.49 -23.42
N PRO A 265 -4.05 5.20 -22.25
CA PRO A 265 -3.69 3.97 -21.55
C PRO A 265 -4.14 2.73 -22.31
N LEU A 266 -3.45 1.63 -22.04
CA LEU A 266 -3.67 0.37 -22.74
C LEU A 266 -4.48 -0.57 -21.87
N ARG A 267 -5.47 -1.22 -22.49
CA ARG A 267 -6.48 -1.99 -21.77
C ARG A 267 -5.89 -3.20 -21.08
N ASN A 268 -6.27 -3.42 -19.82
CA ASN A 268 -5.82 -4.57 -19.05
C ASN A 268 -6.94 -5.56 -18.73
N GLN A 269 -8.17 -5.24 -19.07
CA GLN A 269 -9.30 -6.13 -18.85
C GLN A 269 -9.67 -6.84 -20.14
N PRO A 270 -10.31 -8.01 -20.07
CA PRO A 270 -10.81 -8.65 -21.29
C PRO A 270 -11.96 -7.89 -21.90
N TYR A 271 -12.08 -8.00 -23.22
CA TYR A 271 -13.12 -7.32 -23.95
C TYR A 271 -14.43 -8.10 -23.85
N LEU A 272 -15.54 -7.38 -23.96
CA LEU A 272 -16.86 -8.00 -23.95
C LEU A 272 -17.67 -7.70 -25.19
N PHE A 273 -17.71 -6.45 -25.65
CA PHE A 273 -18.57 -6.06 -26.75
C PHE A 273 -17.78 -5.23 -27.77
N LYS A 274 -18.34 -5.17 -28.98
CA LYS A 274 -17.66 -4.50 -30.09
C LYS A 274 -17.84 -2.99 -30.08
N THR A 275 -18.84 -2.48 -29.38
CA THR A 275 -19.21 -1.07 -29.47
C THR A 275 -18.86 -0.25 -28.24
N ASN A 276 -18.67 -0.87 -27.08
CA ASN A 276 -18.49 -0.16 -25.83
C ASN A 276 -17.44 -0.87 -24.99
N PRO A 277 -16.71 -0.12 -24.15
CA PRO A 277 -15.69 -0.76 -23.30
C PRO A 277 -16.23 -1.22 -21.95
N ASN A 278 -17.24 -2.07 -21.99
CA ASN A 278 -17.77 -2.66 -20.77
C ASN A 278 -16.86 -3.77 -20.28
N TYR A 279 -16.43 -3.69 -19.04
CA TYR A 279 -15.58 -4.69 -18.42
C TYR A 279 -16.42 -5.56 -17.50
N LYS A 280 -15.86 -6.70 -17.11
CA LYS A 280 -16.49 -7.56 -16.12
C LYS A 280 -16.19 -7.04 -14.72
N GLY A 281 -17.22 -6.93 -13.90
CA GLY A 281 -17.09 -6.27 -12.62
C GLY A 281 -16.72 -7.15 -11.45
N ASN A 282 -17.01 -8.44 -11.54
CA ASN A 282 -16.67 -9.37 -10.48
C ASN A 282 -15.35 -10.08 -10.70
N ASP A 283 -14.70 -9.85 -11.83
CA ASP A 283 -13.43 -10.48 -12.15
C ASP A 283 -12.46 -9.42 -12.66
N ILE A 284 -12.33 -8.34 -11.90
CA ILE A 284 -11.41 -7.27 -12.27
C ILE A 284 -10.00 -7.76 -12.02
N LYS A 285 -9.35 -8.24 -13.08
CA LYS A 285 -8.03 -8.79 -12.94
C LYS A 285 -6.99 -7.69 -12.82
N CYS A 286 -5.87 -8.05 -12.20
CA CYS A 286 -4.84 -7.10 -11.82
C CYS A 286 -3.83 -6.90 -12.96
N THR A 287 -3.21 -5.72 -12.96
CA THR A 287 -2.27 -5.39 -14.03
C THR A 287 -0.95 -6.11 -13.85
N SER A 288 -0.54 -6.35 -12.62
CA SER A 288 0.73 -6.98 -12.31
C SER A 288 0.51 -8.32 -11.62
N THR A 289 1.43 -9.25 -11.86
CA THR A 289 1.43 -10.53 -11.15
C THR A 289 1.89 -10.31 -9.71
N SER A 290 1.21 -10.96 -8.78
CA SER A 290 1.43 -10.71 -7.36
C SER A 290 2.56 -11.58 -6.80
N ARG A 291 3.03 -11.19 -5.61
CA ARG A 291 4.00 -11.98 -4.86
C ARG A 291 3.54 -12.02 -3.41
N ASP A 292 4.33 -12.68 -2.57
CA ASP A 292 3.96 -12.85 -1.17
C ASP A 292 4.38 -11.67 -0.31
N LYS A 293 5.68 -11.37 -0.26
CA LYS A 293 6.20 -10.28 0.55
C LYS A 293 6.85 -9.23 -0.35
N ILE A 294 6.84 -7.99 0.13
CA ILE A 294 7.45 -6.89 -0.62
C ILE A 294 8.97 -6.88 -0.51
N THR A 295 9.54 -7.66 0.40
CA THR A 295 10.97 -7.69 0.61
C THR A 295 11.64 -8.92 0.03
N THR A 296 10.93 -9.67 -0.82
CA THR A 296 11.48 -10.89 -1.39
C THR A 296 11.27 -10.90 -2.89
N LEU A 297 12.07 -11.71 -3.57
CA LEU A 297 12.02 -11.78 -5.02
C LEU A 297 12.15 -13.22 -5.49
N SER B 10 9.69 32.50 -6.78
CA SER B 10 9.89 32.95 -8.16
C SER B 10 9.17 32.02 -9.12
N ASP B 11 8.69 30.90 -8.59
CA ASP B 11 7.96 29.93 -9.39
C ASP B 11 6.72 29.47 -8.63
N ARG B 12 6.74 29.63 -7.31
CA ARG B 12 5.63 29.18 -6.49
C ARG B 12 4.44 30.12 -6.51
N VAL B 13 4.66 31.40 -6.79
CA VAL B 13 3.58 32.38 -6.81
C VAL B 13 3.13 32.57 -8.25
N ALA B 14 1.83 32.82 -8.43
CA ALA B 14 1.27 32.99 -9.76
C ALA B 14 0.01 33.82 -9.67
N GLN B 15 -0.31 34.48 -10.77
CA GLN B 15 -1.60 35.14 -10.96
C GLN B 15 -2.11 34.80 -12.34
N LEU B 16 -3.40 34.52 -12.43
CA LEU B 16 -4.05 34.16 -13.69
C LEU B 16 -5.23 35.09 -13.88
N THR B 17 -5.11 36.05 -14.79
CA THR B 17 -6.13 37.07 -15.01
C THR B 17 -6.66 36.93 -16.42
N ILE B 18 -7.91 36.47 -16.54
CA ILE B 18 -8.62 36.43 -17.81
C ILE B 18 -10.03 36.94 -17.56
N GLY B 19 -10.48 37.85 -18.41
CA GLY B 19 -11.79 38.45 -18.21
C GLY B 19 -11.77 39.42 -17.05
N ASN B 20 -12.79 39.33 -16.19
CA ASN B 20 -12.84 40.11 -14.97
C ASN B 20 -12.60 39.26 -13.73
N SER B 21 -11.77 38.24 -13.85
CA SER B 21 -11.55 37.27 -12.79
C SER B 21 -10.06 36.99 -12.67
N THR B 22 -9.53 37.11 -11.45
CA THR B 22 -8.14 36.80 -11.15
C THR B 22 -8.07 35.65 -10.16
N ILE B 23 -7.07 34.80 -10.30
CA ILE B 23 -6.80 33.72 -9.36
C ILE B 23 -5.37 33.88 -8.88
N THR B 24 -5.20 34.09 -7.59
CA THR B 24 -3.89 34.25 -6.98
C THR B 24 -3.57 33.02 -6.14
N THR B 25 -2.31 32.59 -6.21
CA THR B 25 -1.86 31.41 -5.50
C THR B 25 -0.46 31.62 -4.97
N GLN B 26 -0.21 31.10 -3.77
CA GLN B 26 1.04 31.32 -3.06
C GLN B 26 2.00 30.14 -3.17
N GLU B 27 1.46 28.93 -3.20
CA GLU B 27 2.25 27.71 -3.10
C GLU B 27 1.86 26.75 -4.22
N ALA B 28 1.90 27.23 -5.45
CA ALA B 28 1.54 26.39 -6.58
C ALA B 28 2.76 25.92 -7.35
N ALA B 29 2.56 24.88 -8.14
CA ALA B 29 3.59 24.38 -9.03
C ALA B 29 3.49 25.13 -10.36
N ASN B 30 4.17 24.65 -11.40
CA ASN B 30 4.11 25.32 -12.68
C ASN B 30 2.79 25.02 -13.39
N ILE B 31 2.60 25.67 -14.53
CA ILE B 31 1.40 25.50 -15.34
C ILE B 31 1.73 24.56 -16.48
N VAL B 32 0.88 23.56 -16.69
CA VAL B 32 1.05 22.62 -17.78
C VAL B 32 0.24 23.11 -18.97
N ILE B 33 0.91 23.29 -20.11
CA ILE B 33 0.24 23.51 -21.38
C ILE B 33 0.08 22.14 -22.02
N ALA B 34 -1.16 21.70 -22.20
CA ALA B 34 -1.44 20.35 -22.67
C ALA B 34 -1.01 20.19 -24.12
N TYR B 35 -0.12 19.23 -24.35
CA TYR B 35 0.44 18.88 -25.66
C TYR B 35 1.14 20.06 -26.35
N GLY B 36 1.67 20.98 -25.55
CA GLY B 36 2.51 22.04 -26.04
C GLY B 36 1.86 23.08 -26.91
N GLU B 37 0.54 23.13 -26.98
CA GLU B 37 -0.15 24.07 -27.84
C GLU B 37 -1.14 24.91 -27.04
N TRP B 38 -1.22 26.18 -27.39
CA TRP B 38 -2.11 27.16 -26.79
C TRP B 38 -3.44 27.17 -27.52
N PRO B 39 -4.50 27.63 -26.86
CA PRO B 39 -5.79 27.77 -27.56
C PRO B 39 -5.75 28.86 -28.62
N GLU B 40 -6.18 28.49 -29.82
CA GLU B 40 -6.21 29.35 -30.99
C GLU B 40 -7.64 29.50 -31.50
N TYR B 41 -7.84 30.46 -32.37
CA TYR B 41 -9.06 30.51 -33.16
C TYR B 41 -8.86 29.66 -34.42
N CYS B 42 -9.98 29.27 -35.02
CA CYS B 42 -9.94 28.38 -36.17
C CYS B 42 -9.52 29.16 -37.40
N PRO B 43 -8.41 28.80 -38.06
CA PRO B 43 -7.97 29.55 -39.22
C PRO B 43 -8.83 29.21 -40.45
N ASP B 44 -8.60 29.98 -41.51
CA ASP B 44 -9.42 29.85 -42.71
C ASP B 44 -9.11 28.58 -43.49
N THR B 45 -7.95 27.96 -43.28
CA THR B 45 -7.62 26.73 -43.96
C THR B 45 -8.26 25.51 -43.32
N ASP B 46 -8.78 25.64 -42.09
CA ASP B 46 -9.43 24.52 -41.42
C ASP B 46 -10.93 24.71 -41.24
N ALA B 47 -11.45 25.93 -41.41
CA ALA B 47 -12.87 26.17 -41.24
C ALA B 47 -13.65 25.68 -42.45
N THR B 48 -14.75 24.99 -42.19
CA THR B 48 -15.61 24.48 -43.25
C THR B 48 -16.95 25.17 -43.36
N ALA B 49 -17.43 25.78 -42.27
CA ALA B 49 -18.68 26.51 -42.32
C ALA B 49 -18.47 27.85 -43.02
N VAL B 50 -19.57 28.44 -43.47
CA VAL B 50 -19.50 29.69 -44.24
C VAL B 50 -20.07 30.88 -43.49
N ASP B 51 -20.72 30.69 -42.35
CA ASP B 51 -21.26 31.80 -41.60
C ASP B 51 -20.15 32.50 -40.81
N LYS B 52 -20.47 33.68 -40.29
CA LYS B 52 -19.51 34.44 -39.51
C LYS B 52 -19.66 34.04 -38.05
N PRO B 53 -18.64 33.44 -37.44
CA PRO B 53 -18.77 33.04 -36.05
C PRO B 53 -18.66 34.21 -35.09
N THR B 54 -19.38 34.10 -33.99
CA THR B 54 -19.37 35.14 -32.97
C THR B 54 -18.24 34.91 -31.98
N ARG B 55 -17.78 36.00 -31.36
CA ARG B 55 -16.65 35.95 -30.43
C ARG B 55 -16.90 36.93 -29.30
N PRO B 56 -17.60 36.51 -28.24
CA PRO B 56 -17.64 37.30 -27.01
C PRO B 56 -16.40 37.03 -26.18
N ASP B 57 -15.49 37.99 -26.15
CA ASP B 57 -14.16 37.69 -25.63
C ASP B 57 -13.98 38.01 -24.15
N VAL B 58 -14.89 38.74 -23.54
CA VAL B 58 -14.79 39.05 -22.11
C VAL B 58 -15.97 38.56 -21.31
N SER B 59 -17.06 38.16 -21.95
CA SER B 59 -18.21 37.68 -21.22
C SER B 59 -18.19 36.18 -21.02
N VAL B 60 -17.58 35.43 -21.93
CA VAL B 60 -17.48 33.99 -21.76
C VAL B 60 -16.06 33.54 -21.43
N ASN B 61 -15.04 34.36 -21.66
CA ASN B 61 -13.67 34.00 -21.32
C ASN B 61 -13.36 34.54 -19.94
N ARG B 62 -13.85 33.83 -18.93
CA ARG B 62 -13.61 34.22 -17.54
C ARG B 62 -13.70 32.96 -16.69
N PHE B 63 -13.32 33.10 -15.42
CA PHE B 63 -13.27 31.96 -14.51
C PHE B 63 -14.64 31.68 -13.92
N PHE B 64 -15.01 30.40 -13.87
CA PHE B 64 -16.27 29.95 -13.29
C PHE B 64 -15.98 28.90 -12.24
N THR B 65 -16.52 29.08 -11.04
CA THR B 65 -16.25 28.20 -9.92
C THR B 65 -17.43 27.24 -9.73
N LEU B 66 -17.14 25.95 -9.70
CA LEU B 66 -18.17 24.92 -9.58
C LEU B 66 -18.35 24.54 -8.12
N ASP B 67 -19.09 23.46 -7.87
CA ASP B 67 -19.38 23.03 -6.51
C ASP B 67 -18.15 22.41 -5.86
N THR B 68 -17.94 22.70 -4.58
CA THR B 68 -16.83 22.14 -3.85
C THR B 68 -17.17 20.73 -3.39
N LYS B 69 -16.18 19.86 -3.41
CA LYS B 69 -16.33 18.50 -2.93
C LYS B 69 -15.81 18.40 -1.51
N SER B 70 -15.88 17.18 -0.96
CA SER B 70 -15.37 16.90 0.37
C SER B 70 -14.49 15.67 0.29
N TRP B 71 -13.23 15.82 0.71
CA TRP B 71 -12.26 14.74 0.70
C TRP B 71 -12.33 14.00 2.02
N ALA B 72 -12.49 12.68 1.96
CA ALA B 72 -12.50 11.82 3.13
C ALA B 72 -11.31 10.86 3.04
N LYS B 73 -11.23 9.94 3.99
CA LYS B 73 -10.16 8.96 3.97
C LYS B 73 -10.46 7.78 3.06
N ASP B 74 -11.68 7.67 2.55
CA ASP B 74 -12.08 6.57 1.70
C ASP B 74 -12.67 7.03 0.39
N SER B 75 -12.40 8.27 -0.01
CA SER B 75 -12.99 8.81 -1.23
C SER B 75 -12.36 8.17 -2.45
N LYS B 76 -13.20 7.85 -3.43
CA LYS B 76 -12.75 7.09 -4.59
C LYS B 76 -12.29 7.99 -5.73
N GLY B 77 -12.91 9.14 -5.93
CA GLY B 77 -12.47 10.04 -6.96
C GLY B 77 -13.63 10.59 -7.76
N TRP B 78 -13.42 11.72 -8.43
CA TRP B 78 -14.50 12.39 -9.13
C TRP B 78 -14.08 12.71 -10.55
N TYR B 79 -15.07 13.00 -11.39
CA TYR B 79 -14.81 13.42 -12.75
C TYR B 79 -15.86 14.41 -13.20
N TRP B 80 -15.48 15.24 -14.16
CA TRP B 80 -16.36 16.20 -14.81
C TRP B 80 -16.21 16.06 -16.32
N LYS B 81 -17.19 16.55 -17.06
CA LYS B 81 -17.18 16.47 -18.51
C LYS B 81 -17.24 17.89 -19.09
N PHE B 82 -16.59 18.07 -20.24
CA PHE B 82 -16.39 19.39 -20.80
C PHE B 82 -16.88 19.39 -22.26
N PRO B 83 -17.67 20.39 -22.67
CA PRO B 83 -18.10 21.56 -21.93
C PRO B 83 -19.43 21.40 -21.20
N ASP B 84 -19.73 20.18 -20.73
CA ASP B 84 -21.03 19.89 -20.12
C ASP B 84 -21.22 20.63 -18.80
N VAL B 85 -20.12 20.95 -18.10
CA VAL B 85 -20.20 21.63 -16.82
C VAL B 85 -20.66 23.08 -16.95
N LEU B 86 -20.57 23.67 -18.14
CA LEU B 86 -20.84 25.09 -18.33
C LEU B 86 -21.96 25.36 -19.33
N THR B 87 -22.76 24.35 -19.67
CA THR B 87 -23.87 24.56 -20.59
C THR B 87 -25.15 24.99 -19.88
N GLU B 88 -25.06 25.35 -18.61
CA GLU B 88 -26.19 25.96 -17.92
C GLU B 88 -25.77 27.18 -17.10
N VAL B 89 -24.51 27.60 -17.19
CA VAL B 89 -23.96 28.63 -16.31
C VAL B 89 -23.58 29.85 -17.14
N GLY B 90 -24.10 31.00 -16.77
CA GLY B 90 -23.64 32.26 -17.32
C GLY B 90 -24.12 32.51 -18.74
N VAL B 91 -23.43 33.44 -19.40
CA VAL B 91 -23.69 33.73 -20.81
C VAL B 91 -23.01 32.72 -21.72
N PHE B 92 -22.06 31.94 -21.19
CA PHE B 92 -21.56 30.79 -21.93
C PHE B 92 -22.63 29.73 -22.11
N GLY B 93 -23.49 29.56 -21.11
CA GLY B 93 -24.54 28.58 -21.23
C GLY B 93 -25.64 29.00 -22.19
N GLN B 94 -25.83 30.30 -22.38
CA GLN B 94 -26.83 30.77 -23.32
C GLN B 94 -26.35 30.66 -24.75
N ASN B 95 -25.07 30.96 -24.99
CA ASN B 95 -24.53 30.78 -26.33
C ASN B 95 -24.37 29.32 -26.71
N ALA B 96 -24.24 28.44 -25.72
CA ALA B 96 -24.26 27.01 -25.99
C ALA B 96 -25.64 26.49 -26.28
N GLN B 97 -26.68 27.24 -25.92
CA GLN B 97 -28.05 26.83 -26.18
C GLN B 97 -28.61 27.41 -27.46
N PHE B 98 -28.13 28.56 -27.90
CA PHE B 98 -28.66 29.20 -29.09
C PHE B 98 -27.91 28.81 -30.36
N HIS B 99 -26.72 28.25 -30.23
CA HIS B 99 -25.87 27.97 -31.38
C HIS B 99 -25.67 26.48 -31.55
N TYR B 100 -25.36 26.08 -32.78
CA TYR B 100 -25.21 24.67 -33.13
C TYR B 100 -23.75 24.24 -33.04
N LEU B 101 -22.83 25.14 -33.33
CA LEU B 101 -21.41 24.85 -33.31
C LEU B 101 -20.74 25.55 -32.14
N TYR B 102 -19.50 25.13 -31.89
CA TYR B 102 -18.74 25.47 -30.70
C TYR B 102 -17.29 25.10 -30.88
N ARG B 103 -16.40 25.96 -30.40
CA ARG B 103 -14.97 25.68 -30.39
C ARG B 103 -14.34 26.50 -29.29
N SER B 104 -13.68 25.86 -28.34
CA SER B 104 -13.02 26.58 -27.26
C SER B 104 -11.89 25.74 -26.68
N GLY B 105 -11.02 26.41 -25.94
CA GLY B 105 -10.02 25.74 -25.13
C GLY B 105 -10.22 26.18 -23.69
N PHE B 106 -9.69 25.42 -22.75
CA PHE B 106 -10.02 25.64 -21.35
C PHE B 106 -8.77 25.82 -20.50
N CYS B 107 -8.91 26.62 -19.44
CA CYS B 107 -8.03 26.59 -18.29
C CYS B 107 -8.73 25.82 -17.19
N VAL B 108 -8.00 24.93 -16.52
CA VAL B 108 -8.54 24.08 -15.49
C VAL B 108 -7.70 24.25 -14.23
N HIS B 109 -8.32 24.65 -13.13
CA HIS B 109 -7.61 24.96 -11.90
C HIS B 109 -8.31 24.25 -10.74
N VAL B 110 -7.55 23.42 -10.01
CA VAL B 110 -8.09 22.57 -8.95
C VAL B 110 -7.38 22.92 -7.65
N GLN B 111 -8.14 23.27 -6.63
CA GLN B 111 -7.58 23.73 -5.36
C GLN B 111 -7.90 22.78 -4.21
N CYS B 112 -6.95 22.62 -3.30
CA CYS B 112 -7.18 21.85 -2.08
C CYS B 112 -6.18 22.32 -1.03
N ASN B 113 -6.65 23.02 -0.01
CA ASN B 113 -5.81 23.50 1.07
C ASN B 113 -5.82 22.52 2.23
N ALA B 114 -4.65 22.34 2.85
CA ALA B 114 -4.54 21.56 4.06
C ALA B 114 -3.34 22.08 4.85
N SER B 115 -3.21 21.59 6.08
CA SER B 115 -2.20 22.09 6.98
C SER B 115 -0.84 21.44 6.68
N LYS B 116 0.16 21.78 7.48
CA LYS B 116 1.47 21.16 7.40
C LYS B 116 1.55 19.87 8.21
N PHE B 117 0.44 19.43 8.79
CA PHE B 117 0.37 18.18 9.53
C PHE B 117 -0.48 17.14 8.83
N HIS B 118 -1.02 17.46 7.66
CA HIS B 118 -1.81 16.52 6.87
C HIS B 118 -0.94 15.87 5.80
N GLN B 119 -1.49 14.86 5.15
CA GLN B 119 -0.80 14.23 4.04
C GLN B 119 -1.81 13.67 3.05
N GLY B 120 -1.37 13.55 1.81
CA GLY B 120 -2.21 13.04 0.74
C GLY B 120 -1.67 13.46 -0.60
N ALA B 121 -2.22 12.85 -1.64
CA ALA B 121 -1.80 13.16 -3.00
C ALA B 121 -2.96 12.94 -3.95
N LEU B 122 -3.17 13.88 -4.85
CA LEU B 122 -4.18 13.79 -5.88
C LEU B 122 -3.52 13.66 -7.24
N LEU B 123 -4.27 13.12 -8.19
CA LEU B 123 -3.84 13.05 -9.58
C LEU B 123 -4.92 13.72 -10.42
N VAL B 124 -4.65 14.92 -10.90
CA VAL B 124 -5.56 15.67 -11.75
C VAL B 124 -5.12 15.45 -13.19
N ALA B 125 -5.97 14.81 -13.99
CA ALA B 125 -5.62 14.46 -15.36
C ALA B 125 -6.70 14.94 -16.31
N VAL B 126 -6.32 15.09 -17.58
CA VAL B 126 -7.22 15.47 -18.66
C VAL B 126 -7.17 14.37 -19.70
N LEU B 127 -8.22 13.56 -19.76
CA LEU B 127 -8.29 12.46 -20.71
C LEU B 127 -9.20 12.89 -21.85
N PRO B 128 -8.70 13.05 -23.07
CA PRO B 128 -9.59 13.38 -24.18
C PRO B 128 -10.37 12.16 -24.64
N GLU B 129 -11.65 12.40 -24.95
CA GLU B 129 -12.63 11.39 -25.35
C GLU B 129 -12.76 10.28 -24.30
N TYR B 130 -13.22 10.68 -23.12
CA TYR B 130 -13.36 9.79 -21.99
C TYR B 130 -14.71 9.09 -22.07
N VAL B 131 -14.72 7.94 -22.73
CA VAL B 131 -15.92 7.11 -22.80
C VAL B 131 -15.92 6.18 -21.61
N LEU B 132 -17.02 6.18 -20.86
CA LEU B 132 -17.15 5.33 -19.69
C LEU B 132 -17.63 3.94 -20.07
N GLY B 133 -17.45 3.00 -19.16
CA GLY B 133 -17.95 1.66 -19.34
C GLY B 133 -18.96 1.31 -18.28
N THR B 134 -19.37 0.05 -18.23
CA THR B 134 -20.26 -0.43 -17.19
C THR B 134 -19.75 -1.80 -16.76
N ILE B 135 -20.15 -2.23 -15.56
CA ILE B 135 -19.69 -3.51 -15.01
C ILE B 135 -20.29 -4.72 -15.68
N ALA B 136 -21.21 -4.52 -16.64
CA ALA B 136 -21.91 -5.56 -17.38
C ALA B 136 -22.65 -6.52 -16.47
N GLY B 137 -23.36 -5.96 -15.48
CA GLY B 137 -24.15 -6.74 -14.56
C GLY B 137 -23.36 -7.53 -13.55
N GLY B 138 -22.06 -7.34 -13.47
CA GLY B 138 -21.22 -8.12 -12.58
C GLY B 138 -20.95 -9.53 -13.05
N THR B 139 -21.35 -9.88 -14.26
CA THR B 139 -21.10 -11.21 -14.79
C THR B 139 -20.65 -11.20 -16.24
N GLY B 140 -20.70 -10.07 -16.93
CA GLY B 140 -20.30 -9.99 -18.31
C GLY B 140 -21.36 -10.36 -19.33
N ASN B 141 -22.48 -10.93 -18.89
CA ASN B 141 -23.48 -11.42 -19.84
C ASN B 141 -24.43 -10.33 -20.28
N GLU B 142 -24.71 -9.35 -19.43
CA GLU B 142 -25.72 -8.34 -19.72
C GLU B 142 -25.06 -7.09 -20.28
N ASN B 143 -25.55 -6.63 -21.43
CA ASN B 143 -24.97 -5.50 -22.14
C ASN B 143 -25.61 -4.21 -21.63
N SER B 144 -25.03 -3.67 -20.57
CA SER B 144 -25.51 -2.43 -20.01
C SER B 144 -24.90 -1.23 -20.74
N HIS B 145 -25.56 -0.09 -20.59
CA HIS B 145 -25.08 1.18 -21.10
C HIS B 145 -25.31 2.23 -20.01
N PRO B 146 -24.38 3.18 -19.84
CA PRO B 146 -24.50 4.12 -18.73
C PRO B 146 -25.59 5.14 -18.96
N PRO B 147 -26.33 5.53 -17.92
CA PRO B 147 -27.46 6.46 -18.10
C PRO B 147 -27.02 7.89 -18.38
N TYR B 148 -27.99 8.75 -18.67
CA TYR B 148 -27.67 10.11 -19.08
C TYR B 148 -27.21 10.98 -17.90
N ALA B 149 -27.65 10.66 -16.68
CA ALA B 149 -27.12 11.33 -15.51
C ALA B 149 -25.68 10.94 -15.21
N THR B 150 -25.22 9.80 -15.72
CA THR B 150 -23.85 9.37 -15.56
C THR B 150 -22.97 9.91 -16.68
N THR B 151 -23.46 9.90 -17.92
CA THR B 151 -22.65 10.35 -19.05
C THR B 151 -22.56 11.87 -19.13
N GLN B 152 -23.58 12.59 -18.66
CA GLN B 152 -23.55 14.05 -18.61
C GLN B 152 -24.01 14.49 -17.24
N PRO B 153 -23.10 14.52 -16.25
CA PRO B 153 -23.54 14.83 -14.88
C PRO B 153 -23.83 16.29 -14.65
N GLY B 154 -23.09 17.19 -15.29
CA GLY B 154 -23.35 18.60 -15.16
C GLY B 154 -22.35 19.31 -14.27
N GLN B 155 -22.79 20.43 -13.68
CA GLN B 155 -21.95 21.24 -12.80
C GLN B 155 -21.55 20.50 -11.53
N VAL B 156 -22.32 19.49 -11.12
CA VAL B 156 -22.01 18.78 -9.89
C VAL B 156 -20.91 17.73 -10.11
N GLY B 157 -20.85 17.11 -11.28
CA GLY B 157 -19.91 16.03 -11.50
C GLY B 157 -20.42 14.72 -10.93
N ALA B 158 -19.59 13.69 -11.09
CA ALA B 158 -19.96 12.35 -10.67
C ALA B 158 -18.77 11.69 -10.01
N VAL B 159 -19.02 10.56 -9.36
CA VAL B 159 -18.01 9.82 -8.61
C VAL B 159 -17.63 8.58 -9.41
N LEU B 160 -16.41 8.09 -9.19
CA LEU B 160 -15.94 6.87 -9.82
C LEU B 160 -16.27 5.66 -8.96
N THR B 161 -16.70 4.58 -9.60
CA THR B 161 -17.05 3.36 -8.89
C THR B 161 -15.84 2.45 -8.68
N HIS B 162 -15.08 2.21 -9.73
CA HIS B 162 -13.83 1.45 -9.65
C HIS B 162 -12.70 2.31 -10.18
N PRO B 163 -11.96 3.01 -9.32
CA PRO B 163 -10.97 3.98 -9.81
C PRO B 163 -9.69 3.33 -10.32
N TYR B 164 -9.48 2.05 -10.07
CA TYR B 164 -8.27 1.39 -10.55
C TYR B 164 -8.32 1.16 -12.05
N VAL B 165 -9.52 1.05 -12.61
CA VAL B 165 -9.70 0.88 -14.05
C VAL B 165 -10.41 2.07 -14.67
N LEU B 166 -10.57 3.16 -13.93
CA LEU B 166 -11.12 4.45 -14.37
C LEU B 166 -12.55 4.34 -14.91
N ASP B 167 -13.27 3.29 -14.49
CA ASP B 167 -14.61 2.94 -14.98
C ASP B 167 -14.66 2.76 -16.50
N ALA B 168 -13.53 2.38 -17.12
CA ALA B 168 -13.49 2.21 -18.55
C ALA B 168 -12.61 1.06 -19.02
N GLY B 169 -11.99 0.30 -18.11
CA GLY B 169 -11.15 -0.81 -18.49
C GLY B 169 -9.71 -0.47 -18.79
N ILE B 170 -9.27 0.77 -18.54
CA ILE B 170 -7.89 1.18 -18.75
C ILE B 170 -7.31 1.61 -17.41
N PRO B 171 -6.04 1.35 -17.12
CA PRO B 171 -5.56 1.46 -15.74
C PRO B 171 -5.29 2.90 -15.32
N LEU B 172 -5.22 3.07 -14.00
CA LEU B 172 -4.81 4.33 -13.40
C LEU B 172 -3.31 4.52 -13.46
N SER B 173 -2.57 3.42 -13.59
CA SER B 173 -1.12 3.46 -13.56
C SER B 173 -0.54 4.16 -14.77
N GLN B 174 -1.29 4.18 -15.88
CA GLN B 174 -0.84 4.81 -17.11
C GLN B 174 -1.61 6.07 -17.44
N LEU B 175 -2.22 6.71 -16.44
CA LEU B 175 -2.96 7.93 -16.68
C LEU B 175 -2.06 9.12 -16.95
N THR B 176 -0.79 9.03 -16.58
CA THR B 176 0.12 10.16 -16.70
C THR B 176 0.64 10.39 -18.11
N VAL B 177 0.27 9.57 -19.11
CA VAL B 177 0.57 9.93 -20.48
C VAL B 177 -0.31 11.08 -20.93
N CYS B 178 -1.51 11.18 -20.34
CA CYS B 178 -2.35 12.34 -20.49
C CYS B 178 -1.73 13.52 -19.74
N PRO B 179 -2.06 14.76 -20.14
CA PRO B 179 -1.54 15.93 -19.41
C PRO B 179 -2.08 15.99 -17.98
N HIS B 180 -1.18 16.11 -17.01
CA HIS B 180 -1.55 15.93 -15.62
C HIS B 180 -0.64 16.74 -14.71
N GLN B 181 -1.14 16.96 -13.50
CA GLN B 181 -0.37 17.49 -12.38
C GLN B 181 -0.80 16.76 -11.12
N TRP B 182 0.12 16.63 -10.18
CA TRP B 182 -0.21 16.11 -8.87
C TRP B 182 -0.53 17.26 -7.91
N ILE B 183 -1.29 16.95 -6.88
CA ILE B 183 -1.49 17.86 -5.76
C ILE B 183 -0.98 17.12 -4.53
N ASN B 184 0.29 17.35 -4.21
CA ASN B 184 0.90 16.81 -3.00
C ASN B 184 0.73 17.84 -1.89
N LEU B 185 0.11 17.43 -0.78
CA LEU B 185 -0.29 18.39 0.25
C LEU B 185 0.88 18.91 1.06
N ARG B 186 2.06 18.34 0.93
CA ARG B 186 3.26 18.92 1.51
C ARG B 186 3.96 19.88 0.57
N THR B 187 3.60 19.89 -0.70
CA THR B 187 4.26 20.70 -1.71
C THR B 187 3.36 21.80 -2.25
N ASN B 188 2.17 21.46 -2.76
CA ASN B 188 1.33 22.45 -3.40
C ASN B 188 -0.12 22.29 -2.98
N ASN B 189 -0.92 23.29 -3.38
CA ASN B 189 -2.35 23.29 -3.14
C ASN B 189 -3.15 23.62 -4.38
N CYS B 190 -2.51 23.69 -5.54
CA CYS B 190 -3.17 24.02 -6.80
C CYS B 190 -2.66 23.10 -7.90
N ALA B 191 -3.37 23.11 -9.01
CA ALA B 191 -2.98 22.38 -10.21
C ALA B 191 -3.63 23.03 -11.41
N THR B 192 -2.83 23.47 -12.37
CA THR B 192 -3.32 24.28 -13.48
C THR B 192 -2.93 23.67 -14.81
N ILE B 193 -3.91 23.42 -15.68
CA ILE B 193 -3.71 22.84 -17.00
C ILE B 193 -4.42 23.69 -18.03
N ILE B 194 -3.69 24.11 -19.07
CA ILE B 194 -4.24 24.84 -20.21
C ILE B 194 -4.45 23.82 -21.33
N VAL B 195 -5.69 23.67 -21.77
CA VAL B 195 -6.08 22.61 -22.70
C VAL B 195 -6.43 23.26 -24.04
N PRO B 196 -5.86 22.79 -25.15
CA PRO B 196 -6.30 23.26 -26.46
C PRO B 196 -7.52 22.49 -26.94
N TYR B 197 -8.11 22.99 -28.02
CA TYR B 197 -9.26 22.33 -28.61
C TYR B 197 -8.78 21.08 -29.35
N MET B 198 -9.20 19.92 -28.87
CA MET B 198 -8.77 18.63 -29.41
C MET B 198 -10.01 17.94 -29.95
N ASN B 199 -10.20 17.99 -31.25
CA ASN B 199 -11.30 17.28 -31.88
C ASN B 199 -10.94 16.96 -33.32
N THR B 200 -11.68 16.00 -33.87
CA THR B 200 -11.47 15.58 -35.24
C THR B 200 -12.02 16.61 -36.22
N VAL B 201 -13.13 17.24 -35.88
CA VAL B 201 -13.76 18.27 -36.70
C VAL B 201 -13.39 19.63 -36.14
N PRO B 202 -13.41 20.71 -36.94
CA PRO B 202 -13.02 22.02 -36.38
C PRO B 202 -14.06 22.63 -35.44
N PHE B 203 -15.33 22.33 -35.64
CA PHE B 203 -16.40 22.74 -34.76
C PHE B 203 -17.26 21.53 -34.46
N ASP B 204 -17.74 21.40 -33.23
CA ASP B 204 -18.71 20.38 -32.91
C ASP B 204 -19.70 20.93 -31.89
N SER B 205 -20.78 20.20 -31.69
CA SER B 205 -21.87 20.68 -30.84
C SER B 205 -21.52 20.56 -29.37
N ALA B 206 -22.09 21.47 -28.58
CA ALA B 206 -21.81 21.53 -27.15
C ALA B 206 -22.76 20.68 -26.32
N LEU B 207 -23.92 20.33 -26.85
CA LEU B 207 -24.90 19.59 -26.09
C LEU B 207 -24.78 18.09 -26.27
N ASN B 208 -24.19 17.62 -27.36
CA ASN B 208 -24.06 16.20 -27.62
C ASN B 208 -22.66 15.66 -27.32
N HIS B 209 -21.63 16.33 -27.79
CA HIS B 209 -20.26 15.84 -27.68
C HIS B 209 -19.57 16.46 -26.48
N CYS B 210 -18.93 15.61 -25.68
CA CYS B 210 -18.09 16.03 -24.57
C CYS B 210 -16.65 15.73 -24.95
N ASN B 211 -15.81 16.77 -25.04
CA ASN B 211 -14.49 16.62 -25.63
C ASN B 211 -13.55 15.81 -24.75
N PHE B 212 -13.26 16.30 -23.57
CA PHE B 212 -12.38 15.61 -22.65
C PHE B 212 -13.08 15.42 -21.32
N GLY B 213 -12.36 14.86 -20.36
CA GLY B 213 -12.88 14.69 -19.03
C GLY B 213 -11.83 14.96 -17.98
N LEU B 214 -12.12 15.89 -17.07
CA LEU B 214 -11.29 16.06 -15.89
C LEU B 214 -11.45 14.84 -14.99
N LEU B 215 -10.42 14.54 -14.22
CA LEU B 215 -10.41 13.32 -13.43
C LEU B 215 -9.48 13.54 -12.24
N VAL B 216 -10.06 13.73 -11.06
CA VAL B 216 -9.32 13.94 -9.82
C VAL B 216 -9.42 12.65 -9.01
N ILE B 217 -8.31 11.94 -8.84
CA ILE B 217 -8.28 10.66 -8.16
C ILE B 217 -7.23 10.69 -7.06
N PRO B 218 -7.58 10.39 -5.81
CA PRO B 218 -6.57 10.33 -4.74
C PRO B 218 -5.78 9.03 -4.78
N VAL B 219 -4.52 9.11 -5.21
CA VAL B 219 -3.69 7.93 -5.28
C VAL B 219 -3.14 7.57 -3.91
N VAL B 220 -2.73 8.57 -3.14
CA VAL B 220 -2.33 8.39 -1.74
C VAL B 220 -3.45 8.96 -0.87
N PRO B 221 -4.01 8.18 0.06
CA PRO B 221 -5.19 8.63 0.79
C PRO B 221 -4.86 9.71 1.81
N LEU B 222 -5.89 10.46 2.16
CA LEU B 222 -5.76 11.53 3.15
C LEU B 222 -5.69 10.92 4.54
N ASP B 223 -4.72 11.38 5.34
CA ASP B 223 -4.62 10.91 6.70
C ASP B 223 -4.08 12.02 7.58
N PHE B 224 -4.74 12.24 8.71
CA PHE B 224 -4.32 13.19 9.72
C PHE B 224 -4.34 12.50 11.07
N ASN B 225 -4.14 13.27 12.13
CA ASN B 225 -4.25 12.75 13.48
C ASN B 225 -5.61 13.10 14.08
N ALA B 226 -6.00 12.33 15.09
CA ALA B 226 -7.32 12.44 15.68
C ALA B 226 -7.42 13.72 16.50
N GLY B 227 -8.01 14.75 15.92
CA GLY B 227 -8.14 16.02 16.57
C GLY B 227 -7.97 17.17 15.61
N ALA B 228 -7.37 16.92 14.47
CA ALA B 228 -7.15 17.95 13.47
C ALA B 228 -8.43 18.19 12.68
N THR B 229 -8.38 19.13 11.75
CA THR B 229 -9.53 19.46 10.93
C THR B 229 -9.77 18.35 9.90
N SER B 230 -11.00 17.84 9.87
CA SER B 230 -11.38 16.78 8.97
C SER B 230 -12.16 17.27 7.77
N GLU B 231 -12.44 18.57 7.68
CA GLU B 231 -13.20 19.16 6.58
C GLU B 231 -12.20 19.77 5.61
N ILE B 232 -11.76 18.97 4.65
CA ILE B 232 -10.75 19.36 3.68
C ILE B 232 -11.39 19.32 2.29
N PRO B 233 -11.78 20.46 1.74
CA PRO B 233 -12.52 20.46 0.48
C PRO B 233 -11.63 20.59 -0.76
N ILE B 234 -12.21 20.21 -1.89
CA ILE B 234 -11.60 20.36 -3.21
C ILE B 234 -12.55 21.15 -4.08
N THR B 235 -12.04 22.20 -4.74
CA THR B 235 -12.86 23.02 -5.61
C THR B 235 -12.21 23.14 -6.99
N VAL B 236 -13.06 23.27 -8.01
CA VAL B 236 -12.64 23.30 -9.41
C VAL B 236 -13.12 24.61 -10.02
N THR B 237 -12.19 25.39 -10.57
CA THR B 237 -12.51 26.60 -11.32
C THR B 237 -12.00 26.47 -12.74
N ILE B 238 -12.84 26.86 -13.70
CA ILE B 238 -12.57 26.64 -15.10
C ILE B 238 -12.79 27.93 -15.89
N ALA B 239 -12.03 28.09 -16.95
CA ALA B 239 -12.15 29.28 -17.78
C ALA B 239 -12.03 28.93 -19.26
N PRO B 240 -13.02 29.23 -20.08
CA PRO B 240 -12.88 29.05 -21.51
C PRO B 240 -11.93 30.07 -22.12
N MET B 241 -11.20 29.65 -23.13
CA MET B 241 -10.25 30.50 -23.83
C MET B 241 -10.49 30.40 -25.32
N CYS B 242 -10.64 31.56 -25.97
CA CYS B 242 -10.86 31.69 -27.41
C CYS B 242 -12.11 30.93 -27.85
N ALA B 243 -13.23 31.21 -27.20
CA ALA B 243 -14.48 30.53 -27.46
C ALA B 243 -15.23 31.23 -28.58
N GLU B 244 -15.68 30.46 -29.56
CA GLU B 244 -16.47 30.98 -30.66
C GLU B 244 -17.59 30.01 -30.98
N PHE B 245 -18.70 30.56 -31.45
CA PHE B 245 -19.93 29.83 -31.70
C PHE B 245 -20.41 30.12 -33.11
N ALA B 246 -21.16 29.19 -33.68
CA ALA B 246 -21.71 29.39 -35.02
C ALA B 246 -23.04 28.65 -35.12
N GLY B 247 -23.81 29.00 -36.14
CA GLY B 247 -25.07 28.35 -36.40
C GLY B 247 -26.19 28.80 -35.49
N LEU B 248 -26.58 30.07 -35.60
CA LEU B 248 -27.60 30.62 -34.72
C LEU B 248 -28.98 30.09 -35.03
N ARG B 249 -29.74 29.79 -33.97
CA ARG B 249 -31.10 29.28 -34.04
C ARG B 249 -31.76 29.59 -32.71
N GLN B 250 -32.91 28.98 -32.45
CA GLN B 250 -33.56 29.11 -31.16
C GLN B 250 -32.87 28.25 -30.11
N ALA B 251 -33.30 28.40 -28.87
CA ALA B 251 -32.65 27.75 -27.74
C ALA B 251 -33.12 26.31 -27.62
N VAL B 252 -32.18 25.37 -27.68
CA VAL B 252 -32.42 23.98 -27.35
C VAL B 252 -31.65 23.64 -26.08
N LYS B 253 -32.35 23.07 -25.11
CA LYS B 253 -31.74 22.74 -23.83
C LYS B 253 -31.11 21.36 -23.81
N GLN B 254 -31.56 20.45 -24.67
CA GLN B 254 -31.04 19.09 -24.68
C GLN B 254 -31.18 18.45 -26.06
N GLY C 1 5.16 -12.82 -75.52
CA GLY C 1 5.66 -11.54 -75.08
C GLY C 1 7.06 -11.62 -74.51
N ILE C 2 7.25 -11.03 -73.33
CA ILE C 2 8.57 -11.03 -72.69
C ILE C 2 8.78 -12.39 -72.02
N PRO C 3 9.94 -13.03 -72.21
CA PRO C 3 10.20 -14.30 -71.51
C PRO C 3 10.43 -14.07 -70.03
N THR C 4 9.65 -14.78 -69.21
CA THR C 4 9.74 -14.68 -67.76
C THR C 4 9.80 -16.07 -67.15
N GLU C 5 10.30 -16.12 -65.93
CA GLU C 5 10.34 -17.35 -65.15
C GLU C 5 9.88 -17.05 -63.73
N LEU C 6 9.18 -18.00 -63.13
CA LEU C 6 8.63 -17.82 -61.80
C LEU C 6 9.49 -18.55 -60.78
N LYS C 7 9.69 -17.91 -59.65
CA LYS C 7 10.59 -18.35 -58.59
C LYS C 7 9.79 -18.85 -57.39
N PRO C 8 10.45 -19.48 -56.41
CA PRO C 8 9.75 -19.76 -55.14
C PRO C 8 9.35 -18.48 -54.43
N GLY C 9 8.20 -18.56 -53.77
CA GLY C 9 7.55 -17.37 -53.26
C GLY C 9 6.39 -16.91 -54.10
N THR C 10 6.06 -17.63 -55.17
CA THR C 10 4.91 -17.28 -55.98
C THR C 10 3.65 -17.77 -55.28
N ASN C 11 2.63 -16.90 -55.27
CA ASN C 11 1.29 -17.18 -54.71
C ASN C 11 1.34 -17.46 -53.21
N GLN C 12 2.22 -16.77 -52.49
CA GLN C 12 2.21 -16.80 -51.05
C GLN C 12 1.76 -15.45 -50.51
N PHE C 13 1.18 -15.48 -49.32
CA PHE C 13 0.67 -14.29 -48.66
C PHE C 13 1.45 -14.15 -47.35
N LEU C 14 2.55 -13.42 -47.42
CA LEU C 14 3.27 -13.03 -46.21
C LEU C 14 2.59 -11.80 -45.64
N THR C 15 2.27 -11.84 -44.34
CA THR C 15 1.46 -10.77 -43.75
C THR C 15 2.23 -9.47 -43.55
N THR C 16 3.53 -9.45 -43.78
CA THR C 16 4.33 -8.26 -43.53
C THR C 16 4.96 -7.67 -44.78
N ASP C 17 4.69 -8.21 -45.97
CA ASP C 17 5.34 -7.69 -47.16
C ASP C 17 4.71 -6.37 -47.60
N ASP C 18 5.54 -5.50 -48.16
CA ASP C 18 5.17 -4.11 -48.45
C ASP C 18 4.96 -4.04 -49.95
N GLY C 19 3.72 -4.26 -50.37
CA GLY C 19 3.39 -4.33 -51.78
C GLY C 19 2.53 -3.18 -52.25
N VAL C 20 2.03 -3.34 -53.48
CA VAL C 20 1.18 -2.37 -54.14
C VAL C 20 -0.07 -3.12 -54.58
N SER C 21 -1.21 -2.77 -54.02
CA SER C 21 -2.45 -3.42 -54.37
C SER C 21 -3.28 -2.54 -55.29
N ALA C 22 -4.34 -3.12 -55.83
CA ALA C 22 -5.13 -2.35 -56.77
C ALA C 22 -6.20 -1.55 -56.04
N PRO C 23 -6.45 -0.31 -56.43
CA PRO C 23 -7.45 0.51 -55.74
C PRO C 23 -8.87 0.10 -56.10
N ILE C 24 -9.81 0.69 -55.37
CA ILE C 24 -11.23 0.37 -55.55
C ILE C 24 -12.07 1.57 -55.94
N LEU C 25 -11.53 2.78 -55.93
CA LEU C 25 -12.31 3.98 -56.21
C LEU C 25 -11.47 4.94 -57.03
N PRO C 26 -11.63 4.96 -58.36
CA PRO C 26 -10.85 5.85 -59.21
C PRO C 26 -11.34 7.29 -59.09
N GLY C 27 -10.44 8.19 -58.72
CA GLY C 27 -10.78 9.59 -58.60
C GLY C 27 -11.14 10.05 -57.21
N PHE C 28 -10.99 9.21 -56.21
CA PHE C 28 -11.32 9.57 -54.84
C PHE C 28 -10.30 10.57 -54.30
N HIS C 29 -10.75 11.41 -53.38
CA HIS C 29 -9.90 12.38 -52.72
C HIS C 29 -10.34 12.43 -51.27
N PRO C 30 -9.44 12.25 -50.32
CA PRO C 30 -9.84 12.18 -48.91
C PRO C 30 -10.19 13.56 -48.35
N THR C 31 -10.75 13.54 -47.16
CA THR C 31 -11.06 14.76 -46.44
C THR C 31 -9.76 15.46 -46.05
N PRO C 32 -9.68 16.78 -46.21
CA PRO C 32 -8.44 17.49 -45.90
C PRO C 32 -8.10 17.44 -44.43
N PRO C 33 -6.81 17.33 -44.09
CA PRO C 33 -6.43 17.23 -42.69
C PRO C 33 -6.41 18.59 -42.01
N ILE C 34 -6.69 18.57 -40.71
CA ILE C 34 -6.61 19.75 -39.87
C ILE C 34 -5.57 19.48 -38.78
N HIS C 35 -5.23 20.53 -38.04
CA HIS C 35 -4.22 20.43 -36.99
C HIS C 35 -4.85 19.87 -35.73
N ILE C 36 -4.75 18.56 -35.54
CA ILE C 36 -5.13 17.93 -34.30
C ILE C 36 -3.89 17.92 -33.42
N PRO C 37 -3.98 18.36 -32.16
CA PRO C 37 -2.79 18.40 -31.30
C PRO C 37 -2.36 17.01 -30.86
N GLY C 38 -1.15 16.95 -30.31
CA GLY C 38 -0.62 15.75 -29.72
C GLY C 38 -0.29 14.65 -30.71
N GLU C 39 0.43 14.98 -31.77
CA GLU C 39 0.77 13.98 -32.76
C GLU C 39 1.98 13.18 -32.33
N VAL C 40 1.97 11.89 -32.67
CA VAL C 40 3.00 10.96 -32.27
C VAL C 40 3.58 10.30 -33.52
N ARG C 41 4.90 10.14 -33.55
CA ARG C 41 5.60 9.62 -34.71
C ARG C 41 6.48 8.42 -34.42
N ASN C 42 7.09 8.34 -33.23
CA ASN C 42 7.71 7.12 -32.72
C ASN C 42 7.03 6.71 -31.43
N LEU C 43 7.13 5.42 -31.10
CA LEU C 43 6.66 4.95 -29.81
C LEU C 43 7.66 5.22 -28.69
N LEU C 44 8.84 5.72 -29.01
CA LEU C 44 9.82 6.09 -27.99
C LEU C 44 9.47 7.40 -27.30
N GLU C 45 8.59 8.21 -27.89
CA GLU C 45 8.11 9.41 -27.21
C GLU C 45 7.21 9.05 -26.03
N ILE C 46 6.49 7.95 -26.13
CA ILE C 46 5.57 7.54 -25.06
C ILE C 46 6.30 6.74 -24.00
N CYS C 47 7.40 6.09 -24.36
CA CYS C 47 8.17 5.32 -23.39
C CYS C 47 8.94 6.21 -22.42
N ARG C 48 9.13 7.49 -22.74
CA ARG C 48 9.83 8.42 -21.87
C ARG C 48 8.92 9.12 -20.87
N VAL C 49 7.63 8.81 -20.87
CA VAL C 49 6.68 9.43 -19.95
C VAL C 49 6.62 8.59 -18.68
N GLU C 50 6.73 9.26 -17.52
CA GLU C 50 6.71 8.58 -16.23
C GLU C 50 5.32 8.03 -15.94
N THR C 51 5.24 6.76 -15.58
CA THR C 51 4.00 6.11 -15.18
C THR C 51 4.22 5.34 -13.88
N ILE C 52 3.13 5.06 -13.18
CA ILE C 52 3.18 4.58 -11.81
C ILE C 52 3.58 3.11 -11.77
N LEU C 53 4.59 2.80 -10.96
CA LEU C 53 5.10 1.45 -10.76
C LEU C 53 4.37 0.78 -9.61
N GLU C 54 4.09 -0.52 -9.76
CA GLU C 54 3.35 -1.28 -8.76
C GLU C 54 4.31 -2.15 -7.92
N VAL C 55 5.03 -1.49 -7.00
CA VAL C 55 5.96 -2.21 -6.15
C VAL C 55 5.22 -3.05 -5.12
N ASN C 56 4.04 -2.62 -4.71
CA ASN C 56 3.26 -3.32 -3.68
C ASN C 56 2.28 -4.31 -4.32
N ASN C 57 2.83 -5.21 -5.14
CA ASN C 57 2.02 -6.23 -5.80
C ASN C 57 1.94 -7.48 -4.92
N LEU C 58 1.14 -7.37 -3.88
CA LEU C 58 0.98 -8.45 -2.93
C LEU C 58 -0.25 -9.29 -3.27
N LYS C 59 -0.33 -10.46 -2.64
CA LYS C 59 -1.50 -11.30 -2.79
C LYS C 59 -2.65 -10.89 -1.88
N THR C 60 -2.41 -10.00 -0.93
CA THR C 60 -3.47 -9.50 -0.07
C THR C 60 -4.07 -8.21 -0.59
N ASN C 61 -3.51 -7.61 -1.64
CA ASN C 61 -3.98 -6.35 -2.18
C ASN C 61 -4.84 -6.51 -3.41
N GLU C 62 -5.19 -7.74 -3.79
CA GLU C 62 -5.90 -7.95 -5.04
C GLU C 62 -7.40 -7.70 -4.94
N THR C 63 -7.93 -7.54 -3.73
CA THR C 63 -9.34 -7.17 -3.57
C THR C 63 -9.54 -5.68 -3.39
N THR C 64 -8.49 -4.96 -2.97
CA THR C 64 -8.49 -3.50 -2.92
C THR C 64 -7.31 -3.05 -3.76
N PRO C 65 -7.49 -2.94 -5.08
CA PRO C 65 -6.33 -2.77 -5.98
C PRO C 65 -5.71 -1.40 -5.97
N MET C 66 -6.29 -0.42 -5.28
CA MET C 66 -5.72 0.91 -5.27
C MET C 66 -4.49 1.01 -4.37
N GLN C 67 -4.33 0.07 -3.44
CA GLN C 67 -3.18 0.09 -2.54
C GLN C 67 -1.90 -0.38 -3.19
N ARG C 68 -1.98 -0.95 -4.40
CA ARG C 68 -0.79 -1.46 -5.07
C ARG C 68 0.07 -0.35 -5.65
N LEU C 69 -0.39 0.89 -5.63
CA LEU C 69 0.36 2.02 -6.18
C LEU C 69 1.18 2.75 -5.13
N CYS C 70 1.24 2.24 -3.90
CA CYS C 70 1.88 2.95 -2.81
C CYS C 70 2.62 1.97 -1.91
N PHE C 71 3.75 2.43 -1.36
CA PHE C 71 4.52 1.70 -0.38
C PHE C 71 4.64 2.53 0.89
N PRO C 72 4.31 1.98 2.05
CA PRO C 72 4.39 2.76 3.29
C PRO C 72 5.79 2.86 3.87
N VAL C 73 6.10 4.04 4.40
CA VAL C 73 7.26 4.23 5.28
C VAL C 73 6.75 4.46 6.70
N SER C 74 7.60 4.13 7.68
CA SER C 74 7.18 4.18 9.06
C SER C 74 8.36 4.49 9.96
N VAL C 75 8.06 4.75 11.22
CA VAL C 75 9.09 4.94 12.24
C VAL C 75 9.60 3.58 12.69
N GLN C 76 10.90 3.39 12.63
CA GLN C 76 11.53 2.09 12.84
C GLN C 76 12.03 1.93 14.26
N SER C 77 12.21 0.68 14.65
CA SER C 77 12.84 0.32 15.91
C SER C 77 14.23 -0.26 15.74
N LYS C 78 14.45 -1.08 14.72
CA LYS C 78 15.79 -1.44 14.31
C LYS C 78 16.36 -0.38 13.37
N THR C 79 17.64 -0.50 13.05
CA THR C 79 18.33 0.44 12.18
C THR C 79 18.78 -0.26 10.91
N GLY C 80 18.63 0.43 9.79
CA GLY C 80 19.07 -0.08 8.51
C GLY C 80 18.25 -1.26 8.03
N GLU C 81 16.97 -1.02 7.74
CA GLU C 81 16.02 -2.08 7.47
C GLU C 81 15.60 -2.05 6.01
N LEU C 82 15.35 -3.23 5.45
CA LEU C 82 14.89 -3.32 4.08
C LEU C 82 13.44 -2.89 3.96
N CYS C 83 13.15 -2.14 2.92
CA CYS C 83 11.84 -1.56 2.69
C CYS C 83 11.10 -2.25 1.57
N ALA C 84 11.73 -2.35 0.40
CA ALA C 84 11.15 -3.01 -0.76
C ALA C 84 12.27 -3.48 -1.65
N ALA C 85 11.96 -4.46 -2.50
CA ALA C 85 12.91 -4.99 -3.45
C ALA C 85 12.13 -5.47 -4.66
N PHE C 86 12.64 -5.16 -5.85
CA PHE C 86 12.00 -5.56 -7.09
C PHE C 86 13.05 -5.59 -8.19
N ARG C 87 12.82 -6.44 -9.19
CA ARG C 87 13.76 -6.54 -10.28
C ARG C 87 13.60 -5.35 -11.23
N ALA C 88 14.60 -5.13 -12.07
CA ALA C 88 14.67 -3.93 -12.90
C ALA C 88 14.47 -4.21 -14.39
N ASP C 89 13.92 -5.35 -14.73
CA ASP C 89 13.72 -5.60 -16.16
C ASP C 89 12.29 -5.30 -16.55
N PRO C 90 12.08 -4.43 -17.54
CA PRO C 90 10.71 -3.96 -17.83
C PRO C 90 9.81 -5.00 -18.49
N GLY C 91 10.37 -6.02 -19.12
CA GLY C 91 9.53 -6.97 -19.83
C GLY C 91 9.21 -8.23 -19.04
N ARG C 92 9.40 -8.20 -17.74
CA ARG C 92 9.17 -9.36 -16.90
C ARG C 92 7.88 -9.18 -16.11
N ASP C 93 7.33 -10.31 -15.66
CA ASP C 93 6.13 -10.30 -14.84
C ASP C 93 6.47 -9.77 -13.45
N GLY C 94 5.79 -8.70 -13.05
CA GLY C 94 6.03 -8.09 -11.76
C GLY C 94 5.62 -6.62 -11.77
N PRO C 95 6.39 -5.80 -11.05
CA PRO C 95 6.00 -4.38 -10.89
C PRO C 95 6.04 -3.56 -12.17
N TRP C 96 6.81 -3.95 -13.17
CA TRP C 96 6.92 -3.16 -14.39
C TRP C 96 5.76 -3.38 -15.34
N GLN C 97 4.80 -4.23 -15.01
CA GLN C 97 3.68 -4.48 -15.89
C GLN C 97 2.68 -3.35 -15.91
N SER C 98 2.67 -2.50 -14.88
CA SER C 98 1.74 -1.39 -14.81
C SER C 98 2.18 -0.17 -15.58
N THR C 99 3.40 -0.16 -16.09
CA THR C 99 3.92 1.01 -16.78
C THR C 99 3.63 0.96 -18.26
N ILE C 100 3.61 2.13 -18.89
CA ILE C 100 3.50 2.21 -20.33
C ILE C 100 4.81 1.79 -20.99
N LEU C 101 5.92 1.81 -20.25
CA LEU C 101 7.17 1.27 -20.77
C LEU C 101 7.13 -0.25 -20.77
N GLY C 102 6.54 -0.84 -19.74
CA GLY C 102 6.48 -2.28 -19.67
C GLY C 102 5.46 -2.87 -20.62
N GLN C 103 4.33 -2.19 -20.81
CA GLN C 103 3.31 -2.68 -21.71
C GLN C 103 3.67 -2.50 -23.17
N LEU C 104 4.59 -1.60 -23.48
CA LEU C 104 5.07 -1.44 -24.85
C LEU C 104 6.34 -2.21 -25.13
N CYS C 105 7.10 -2.58 -24.09
CA CYS C 105 8.26 -3.42 -24.30
C CYS C 105 7.85 -4.84 -24.67
N ARG C 106 6.71 -5.31 -24.16
CA ARG C 106 6.25 -6.65 -24.43
C ARG C 106 5.72 -6.82 -25.85
N TYR C 107 5.51 -5.73 -26.59
CA TYR C 107 5.29 -5.82 -28.03
C TYR C 107 6.58 -6.04 -28.80
N TYR C 108 7.73 -5.92 -28.15
CA TYR C 108 9.02 -6.13 -28.77
C TYR C 108 9.75 -7.27 -28.06
N THR C 109 10.84 -7.74 -28.64
CA THR C 109 11.57 -8.89 -28.13
C THR C 109 12.81 -8.50 -27.35
N GLN C 110 13.62 -7.60 -27.88
CA GLN C 110 14.87 -7.17 -27.26
C GLN C 110 14.80 -5.69 -26.95
N TRP C 111 15.68 -5.25 -26.05
CA TRP C 111 15.74 -3.84 -25.68
C TRP C 111 17.15 -3.51 -25.23
N SER C 112 17.44 -2.21 -25.18
CA SER C 112 18.72 -1.71 -24.74
C SER C 112 18.55 -0.25 -24.36
N GLY C 113 19.23 0.16 -23.28
CA GLY C 113 19.20 1.53 -22.85
C GLY C 113 19.13 1.64 -21.34
N SER C 114 19.08 2.89 -20.89
CA SER C 114 19.04 3.20 -19.46
C SER C 114 17.63 3.56 -19.03
N LEU C 115 17.31 3.25 -17.79
CA LEU C 115 16.00 3.54 -17.21
C LEU C 115 16.17 4.46 -16.02
N GLU C 116 15.15 5.27 -15.76
CA GLU C 116 15.12 6.11 -14.57
C GLU C 116 13.88 5.78 -13.75
N VAL C 117 14.03 5.82 -12.43
CA VAL C 117 12.95 5.56 -11.50
C VAL C 117 12.84 6.75 -10.57
N THR C 118 11.65 7.34 -10.49
CA THR C 118 11.41 8.52 -9.67
C THR C 118 10.52 8.14 -8.51
N PHE C 119 11.01 8.35 -7.29
CA PHE C 119 10.27 8.07 -6.08
C PHE C 119 9.73 9.39 -5.51
N MET C 120 8.42 9.46 -5.32
CA MET C 120 7.77 10.65 -4.79
C MET C 120 7.30 10.38 -3.37
N PHE C 121 7.45 11.37 -2.50
CA PHE C 121 7.07 11.26 -1.10
C PHE C 121 5.78 12.01 -0.87
N ALA C 122 4.78 11.33 -0.33
CA ALA C 122 3.46 11.90 -0.11
C ALA C 122 3.12 11.97 1.37
N GLY C 123 4.07 12.41 2.18
CA GLY C 123 3.88 12.54 3.60
C GLY C 123 3.58 13.97 4.01
N SER C 124 3.79 14.26 5.28
CA SER C 124 3.51 15.58 5.81
C SER C 124 4.74 16.46 5.70
N PHE C 125 4.53 17.77 5.91
CA PHE C 125 5.64 18.71 5.78
C PHE C 125 6.60 18.61 6.95
N MET C 126 6.10 18.23 8.12
CA MET C 126 6.92 18.15 9.32
C MET C 126 7.68 16.83 9.44
N ALA C 127 7.69 16.01 8.40
CA ALA C 127 8.40 14.75 8.42
C ALA C 127 9.83 14.93 7.96
N THR C 128 10.71 14.06 8.47
CA THR C 128 12.14 14.11 8.18
C THR C 128 12.63 12.69 7.99
N GLY C 129 13.36 12.45 6.91
CA GLY C 129 13.88 11.12 6.67
C GLY C 129 14.97 11.08 5.64
N LYS C 130 15.71 9.98 5.64
CA LYS C 130 16.73 9.70 4.64
C LYS C 130 16.67 8.23 4.27
N MET C 131 16.68 7.94 2.97
CA MET C 131 16.58 6.58 2.47
C MET C 131 17.73 6.31 1.52
N LEU C 132 18.04 5.03 1.33
CA LEU C 132 19.09 4.59 0.43
C LEU C 132 18.50 3.67 -0.63
N ILE C 133 18.55 4.10 -1.88
CA ILE C 133 18.01 3.33 -3.00
C ILE C 133 19.18 2.79 -3.80
N ALA C 134 19.33 1.47 -3.84
CA ALA C 134 20.48 0.83 -4.44
C ALA C 134 20.09 0.02 -5.66
N TYR C 135 21.07 -0.20 -6.53
CA TYR C 135 20.90 -1.04 -7.71
C TYR C 135 22.10 -1.97 -7.82
N THR C 136 21.84 -3.27 -7.94
CA THR C 136 22.88 -4.29 -7.92
C THR C 136 22.96 -5.00 -9.26
N PRO C 137 24.11 -5.02 -9.92
CA PRO C 137 24.29 -5.83 -11.14
C PRO C 137 24.13 -7.31 -10.85
N PRO C 138 23.89 -8.14 -11.89
CA PRO C 138 23.54 -9.55 -11.65
C PRO C 138 24.65 -10.36 -10.98
N GLY C 139 24.23 -11.42 -10.31
CA GLY C 139 25.08 -12.14 -9.39
C GLY C 139 24.23 -12.88 -8.40
N GLY C 140 24.45 -12.64 -7.12
CA GLY C 140 23.64 -13.25 -6.09
C GLY C 140 22.27 -12.61 -5.99
N SER C 141 21.54 -13.06 -4.97
CA SER C 141 20.18 -12.60 -4.69
C SER C 141 20.18 -11.26 -3.98
N VAL C 142 19.05 -10.90 -3.37
CA VAL C 142 18.97 -9.65 -2.61
C VAL C 142 19.89 -9.73 -1.39
N PRO C 143 20.56 -8.64 -1.01
CA PRO C 143 21.42 -8.69 0.17
C PRO C 143 20.63 -8.75 1.46
N ALA C 144 21.32 -9.11 2.53
CA ALA C 144 20.71 -9.16 3.84
C ALA C 144 20.97 -7.92 4.68
N ASP C 145 22.05 -7.20 4.40
CA ASP C 145 22.39 -5.95 5.04
C ASP C 145 22.40 -4.84 4.02
N ARG C 146 22.56 -3.61 4.49
CA ARG C 146 22.86 -2.52 3.59
C ARG C 146 24.36 -2.27 3.48
N ILE C 147 25.16 -2.95 4.31
CA ILE C 147 26.60 -2.94 4.13
C ILE C 147 27.01 -3.77 2.92
N THR C 148 26.12 -4.64 2.44
CA THR C 148 26.31 -5.36 1.18
C THR C 148 25.68 -4.60 0.03
N ALA C 149 24.54 -3.96 0.24
CA ALA C 149 23.85 -3.23 -0.80
C ALA C 149 24.43 -1.86 -1.09
N MET C 150 25.30 -1.33 -0.23
CA MET C 150 25.94 -0.05 -0.52
C MET C 150 27.06 -0.18 -1.55
N LEU C 151 27.47 -1.40 -1.87
CA LEU C 151 28.56 -1.62 -2.81
C LEU C 151 28.14 -1.48 -4.27
N GLY C 152 26.86 -1.22 -4.53
CA GLY C 152 26.38 -1.02 -5.88
C GLY C 152 26.12 0.45 -6.18
N THR C 153 25.43 0.67 -7.29
CA THR C 153 25.01 2.02 -7.67
C THR C 153 23.89 2.47 -6.75
N HIS C 154 24.17 3.44 -5.89
CA HIS C 154 23.23 3.83 -4.87
C HIS C 154 23.09 5.34 -4.81
N VAL C 155 21.91 5.80 -4.37
CA VAL C 155 21.58 7.21 -4.27
C VAL C 155 21.06 7.48 -2.86
N ILE C 156 21.69 8.42 -2.17
CA ILE C 156 21.20 8.87 -0.87
C ILE C 156 20.11 9.91 -1.10
N TRP C 157 18.90 9.60 -0.66
CA TRP C 157 17.76 10.48 -0.81
C TRP C 157 17.48 11.16 0.52
N ASP C 158 17.35 12.48 0.50
CA ASP C 158 16.99 13.27 1.67
C ASP C 158 15.65 13.93 1.39
N PHE C 159 14.73 13.84 2.34
CA PHE C 159 13.41 14.44 2.15
C PHE C 159 13.50 15.94 2.43
N GLY C 160 12.62 16.69 1.77
CA GLY C 160 12.59 18.12 1.96
C GLY C 160 11.59 18.80 1.07
N LEU C 161 11.94 19.98 0.56
CA LEU C 161 11.02 20.68 -0.33
C LEU C 161 10.96 20.04 -1.71
N GLN C 162 12.10 19.59 -2.22
CA GLN C 162 12.13 18.85 -3.48
C GLN C 162 11.77 17.40 -3.17
N SER C 163 10.50 17.06 -3.35
CA SER C 163 10.00 15.77 -2.91
C SER C 163 10.02 14.72 -4.02
N SER C 164 11.18 14.55 -4.65
CA SER C 164 11.40 13.52 -5.65
C SER C 164 12.89 13.32 -5.83
N VAL C 165 13.30 12.08 -6.06
CA VAL C 165 14.67 11.77 -6.45
C VAL C 165 14.60 10.83 -7.64
N THR C 166 15.63 10.86 -8.47
CA THR C 166 15.69 10.02 -9.66
C THR C 166 16.89 9.09 -9.54
N LEU C 167 16.62 7.80 -9.46
CA LEU C 167 17.66 6.78 -9.55
C LEU C 167 17.74 6.32 -11.00
N VAL C 168 18.90 6.45 -11.60
CA VAL C 168 19.11 5.94 -12.93
C VAL C 168 19.59 4.50 -12.83
N VAL C 169 19.11 3.66 -13.74
CA VAL C 169 19.57 2.29 -13.87
C VAL C 169 20.50 2.25 -15.08
N PRO C 170 21.81 2.17 -14.89
CA PRO C 170 22.73 2.23 -16.03
C PRO C 170 22.68 0.96 -16.85
N TRP C 171 23.03 1.10 -18.12
CA TRP C 171 23.05 -0.03 -19.04
C TRP C 171 24.36 -0.78 -18.80
N ILE C 172 24.32 -1.75 -17.90
CA ILE C 172 25.44 -2.62 -17.61
C ILE C 172 25.04 -4.00 -18.13
N SER C 173 25.56 -4.39 -19.28
CA SER C 173 25.16 -5.64 -19.90
C SER C 173 26.31 -6.23 -20.69
N ASN C 174 26.28 -7.56 -20.83
CA ASN C 174 27.23 -8.25 -21.68
C ASN C 174 27.02 -7.88 -23.14
N THR C 175 25.82 -8.12 -23.64
CA THR C 175 25.48 -7.97 -25.03
C THR C 175 24.98 -6.55 -25.32
N HIS C 176 24.87 -6.23 -26.61
CA HIS C 176 24.38 -4.92 -27.01
C HIS C 176 22.90 -4.76 -26.72
N TYR C 177 22.11 -5.79 -27.02
CA TYR C 177 20.70 -5.83 -26.72
C TYR C 177 20.47 -6.89 -25.65
N ARG C 178 19.20 -7.13 -25.33
CA ARG C 178 18.84 -7.94 -24.18
C ARG C 178 17.41 -8.42 -24.35
N ALA C 179 17.22 -9.72 -24.53
CA ALA C 179 15.89 -10.26 -24.64
C ALA C 179 15.22 -10.33 -23.27
N HIS C 180 13.97 -10.73 -23.25
CA HIS C 180 13.16 -10.59 -22.05
C HIS C 180 13.34 -11.78 -21.13
N ALA C 181 13.56 -11.51 -19.85
CA ALA C 181 13.97 -12.54 -18.91
C ALA C 181 12.77 -13.34 -18.42
N ARG C 182 12.98 -14.65 -18.28
CA ARG C 182 11.97 -15.56 -17.75
C ARG C 182 12.63 -16.50 -16.75
N ALA C 183 11.83 -17.38 -16.17
CA ALA C 183 12.32 -18.38 -15.23
C ALA C 183 12.75 -19.61 -16.03
N GLY C 184 14.01 -19.63 -16.43
CA GLY C 184 14.52 -20.73 -17.21
C GLY C 184 15.91 -20.47 -17.75
N TYR C 185 16.15 -20.86 -18.99
CA TYR C 185 17.45 -20.62 -19.61
C TYR C 185 17.58 -19.21 -20.15
N PHE C 186 16.49 -18.46 -20.23
CA PHE C 186 16.51 -17.09 -20.73
C PHE C 186 16.83 -16.08 -19.63
N ASP C 187 17.38 -16.54 -18.51
CA ASP C 187 17.67 -15.68 -17.38
C ASP C 187 19.13 -15.24 -17.35
N TYR C 188 19.86 -15.41 -18.45
CA TYR C 188 21.12 -14.71 -18.62
C TYR C 188 20.93 -13.34 -19.26
N TYR C 189 19.71 -12.83 -19.22
CA TYR C 189 19.39 -11.47 -19.61
C TYR C 189 18.88 -10.66 -18.43
N THR C 190 19.15 -11.14 -17.22
CA THR C 190 18.68 -10.46 -16.02
C THR C 190 19.43 -9.14 -15.83
N THR C 191 18.75 -8.18 -15.20
CA THR C 191 19.29 -6.85 -15.05
C THR C 191 19.65 -6.50 -13.62
N GLY C 192 19.18 -7.25 -12.65
CA GLY C 192 19.50 -7.01 -11.26
C GLY C 192 18.31 -6.50 -10.48
N ILE C 193 18.58 -6.09 -9.25
CA ILE C 193 17.55 -5.74 -8.28
C ILE C 193 17.62 -4.26 -7.98
N ILE C 194 16.53 -3.76 -7.40
CA ILE C 194 16.46 -2.40 -6.87
C ILE C 194 15.92 -2.50 -5.46
N THR C 195 16.73 -2.09 -4.48
CA THR C 195 16.35 -2.15 -3.08
C THR C 195 16.26 -0.74 -2.49
N ILE C 196 15.35 -0.57 -1.54
CA ILE C 196 15.21 0.66 -0.76
C ILE C 196 15.48 0.30 0.69
N TRP C 197 16.27 1.13 1.37
CA TRP C 197 16.64 0.92 2.76
C TRP C 197 16.39 2.18 3.55
N TYR C 198 16.42 2.05 4.88
CA TYR C 198 16.37 3.20 5.76
C TYR C 198 17.78 3.66 6.03
N GLN C 199 18.11 4.88 5.62
CA GLN C 199 19.45 5.37 5.88
C GLN C 199 19.61 5.76 7.34
N THR C 200 18.76 6.64 7.85
CA THR C 200 18.75 6.95 9.27
C THR C 200 17.46 6.49 9.93
N ASN C 201 16.32 7.13 9.59
CA ASN C 201 15.01 6.86 10.18
C ASN C 201 13.97 7.75 9.52
N TYR C 202 12.71 7.58 9.93
CA TYR C 202 11.62 8.46 9.56
C TYR C 202 11.13 9.09 10.86
N VAL C 203 11.31 10.40 11.00
CA VAL C 203 11.09 11.10 12.27
C VAL C 203 9.98 12.12 12.09
N VAL C 204 8.99 12.08 12.99
CA VAL C 204 7.86 13.01 12.99
C VAL C 204 7.69 13.65 14.37
N PRO C 205 7.13 14.85 14.45
CA PRO C 205 6.80 15.40 15.77
C PRO C 205 5.43 14.95 16.26
N ILE C 206 4.99 15.48 17.40
CA ILE C 206 3.67 15.13 17.92
C ILE C 206 2.61 15.80 17.06
N GLY C 207 1.61 15.03 16.66
CA GLY C 207 0.56 15.52 15.80
C GLY C 207 0.70 15.10 14.36
N ALA C 208 1.87 14.79 13.94
CA ALA C 208 2.03 14.32 12.58
C ALA C 208 1.80 12.82 12.52
N PRO C 209 1.26 12.31 11.41
CA PRO C 209 1.03 10.86 11.32
C PRO C 209 2.35 10.11 11.18
N THR C 210 2.39 8.93 11.80
CA THR C 210 3.60 8.14 11.90
C THR C 210 3.74 7.11 10.80
N THR C 211 2.99 7.27 9.72
CA THR C 211 3.19 6.45 8.53
C THR C 211 2.84 7.28 7.30
N ALA C 212 3.78 7.35 6.37
CA ALA C 212 3.61 8.05 5.11
C ALA C 212 3.78 7.05 3.97
N TYR C 213 3.40 7.45 2.77
CA TYR C 213 3.44 6.57 1.62
C TYR C 213 4.32 7.16 0.52
N ILE C 214 4.92 6.27 -0.27
CA ILE C 214 5.79 6.64 -1.38
C ILE C 214 5.23 6.00 -2.65
N VAL C 215 5.03 6.82 -3.68
CA VAL C 215 4.62 6.33 -4.99
C VAL C 215 5.83 6.37 -5.93
N ALA C 216 6.01 5.30 -6.70
CA ALA C 216 7.15 5.15 -7.58
C ALA C 216 6.73 5.32 -9.03
N LEU C 217 7.54 6.05 -9.79
CA LEU C 217 7.32 6.30 -11.20
C LEU C 217 8.51 5.76 -11.98
N ALA C 218 8.26 5.37 -13.23
CA ALA C 218 9.34 4.80 -14.03
C ALA C 218 9.16 5.16 -15.50
N ALA C 219 10.26 5.45 -16.16
CA ALA C 219 10.27 5.74 -17.59
C ALA C 219 11.64 5.37 -18.14
N ALA C 220 11.89 5.71 -19.40
CA ALA C 220 13.11 5.39 -20.10
C ALA C 220 13.89 6.66 -20.42
N GLN C 221 15.17 6.48 -20.68
CA GLN C 221 16.06 7.58 -20.99
C GLN C 221 16.10 7.80 -22.51
N ASP C 222 17.07 8.59 -22.97
CA ASP C 222 17.17 8.95 -24.37
C ASP C 222 17.85 7.90 -25.24
N ASN C 223 18.65 7.01 -24.67
CA ASN C 223 19.32 5.98 -25.44
C ASN C 223 18.59 4.64 -25.37
N PHE C 224 17.29 4.66 -25.15
CA PHE C 224 16.47 3.47 -25.11
C PHE C 224 15.98 3.12 -26.51
N THR C 225 16.17 1.87 -26.92
CA THR C 225 15.66 1.37 -28.19
C THR C 225 14.92 0.06 -27.99
N MET C 226 14.23 -0.38 -29.04
CA MET C 226 13.50 -1.64 -29.04
C MET C 226 13.66 -2.30 -30.40
N LYS C 227 13.39 -3.61 -30.45
CA LYS C 227 13.79 -4.43 -31.59
C LYS C 227 12.88 -5.66 -31.68
N LEU C 228 12.61 -6.09 -32.92
CA LEU C 228 11.95 -7.36 -33.25
C LEU C 228 10.53 -7.46 -32.67
N CYS C 229 9.62 -6.72 -33.31
CA CYS C 229 8.20 -6.71 -32.96
C CYS C 229 7.61 -8.11 -32.86
N LYS C 230 6.80 -8.32 -31.83
CA LYS C 230 6.11 -9.58 -31.59
C LYS C 230 4.71 -9.26 -31.09
N ASP C 231 3.98 -10.31 -30.71
CA ASP C 231 2.64 -10.14 -30.16
C ASP C 231 2.67 -10.36 -28.65
N THR C 232 1.97 -9.50 -27.92
CA THR C 232 1.95 -9.59 -26.47
C THR C 232 1.16 -10.79 -25.99
N GLU C 233 1.50 -11.26 -24.81
CA GLU C 233 0.72 -12.26 -24.11
C GLU C 233 -0.15 -11.64 -23.02
N ASP C 234 -0.26 -10.32 -22.99
CA ASP C 234 -1.09 -9.62 -22.03
C ASP C 234 -2.55 -9.54 -22.47
N ILE C 235 -2.80 -9.59 -23.77
CA ILE C 235 -4.16 -9.67 -24.31
C ILE C 235 -4.45 -11.12 -24.68
N GLU C 236 -5.59 -11.64 -24.22
CA GLU C 236 -6.00 -13.00 -24.50
C GLU C 236 -7.50 -13.01 -24.77
N GLN C 237 -7.89 -13.41 -25.97
CA GLN C 237 -9.29 -13.52 -26.34
C GLN C 237 -9.74 -14.96 -26.14
N THR C 238 -10.82 -15.14 -25.40
CA THR C 238 -11.23 -16.47 -24.98
C THR C 238 -12.24 -17.09 -25.94
N ALA C 239 -13.43 -16.48 -26.06
CA ALA C 239 -14.48 -17.07 -26.88
C ALA C 239 -14.87 -16.19 -28.06
N ASN C 240 -15.38 -14.98 -27.82
CA ASN C 240 -15.95 -14.14 -28.85
C ASN C 240 -16.24 -12.79 -28.23
N ILE C 241 -16.16 -11.74 -29.05
CA ILE C 241 -16.49 -10.38 -28.64
C ILE C 241 -17.78 -10.02 -29.37
N GLN C 242 -18.87 -9.97 -28.62
CA GLN C 242 -20.20 -9.76 -29.20
C GLN C 242 -20.44 -8.32 -29.61
N SER D 12 1.49 12.68 -67.25
CA SER D 12 2.40 11.64 -66.80
C SER D 12 2.65 11.73 -65.30
N HIS D 13 1.70 12.33 -64.59
CA HIS D 13 1.78 12.50 -63.15
C HIS D 13 0.60 11.74 -62.54
N GLU D 14 0.40 11.90 -61.25
CA GLU D 14 -0.41 10.97 -60.48
C GLU D 14 -1.28 11.72 -59.47
N ASN D 15 -2.46 11.18 -59.19
CA ASN D 15 -3.40 11.81 -58.26
C ASN D 15 -2.90 11.71 -56.83
N SER D 16 -2.59 12.85 -56.23
CA SER D 16 -2.18 12.89 -54.83
C SER D 16 -3.41 12.77 -53.96
N ASN D 17 -3.76 11.54 -53.59
CA ASN D 17 -4.92 11.29 -52.75
C ASN D 17 -4.64 10.24 -51.69
N SER D 18 -3.45 10.27 -51.11
CA SER D 18 -3.17 9.38 -49.99
C SER D 18 -3.61 10.04 -48.70
N ALA D 19 -3.40 9.36 -47.58
CA ALA D 19 -3.72 9.91 -46.28
C ALA D 19 -2.59 10.76 -45.71
N SER D 20 -1.55 11.02 -46.50
CA SER D 20 -0.42 11.83 -46.03
C SER D 20 0.26 12.45 -47.24
N GLU D 21 -0.01 13.73 -47.50
CA GLU D 21 0.70 14.50 -48.52
C GLU D 21 1.53 15.63 -47.94
N GLY D 22 0.91 16.53 -47.16
CA GLY D 22 1.65 17.62 -46.57
C GLY D 22 2.39 17.19 -45.32
N SER D 23 1.99 16.05 -44.77
CA SER D 23 2.59 15.45 -43.58
C SER D 23 2.95 14.00 -43.84
N THR D 24 3.64 13.76 -44.95
CA THR D 24 4.03 12.41 -45.34
C THR D 24 5.14 11.91 -44.42
N ILE D 25 4.90 10.75 -43.79
CA ILE D 25 5.90 10.13 -42.91
C ILE D 25 6.89 9.28 -43.68
N ASN D 26 6.84 9.29 -45.01
CA ASN D 26 7.72 8.52 -45.87
C ASN D 26 8.49 9.45 -46.78
N TYR D 27 9.42 8.87 -47.54
CA TYR D 27 10.20 9.63 -48.52
C TYR D 27 10.10 9.13 -49.96
N THR D 28 10.13 7.82 -50.21
CA THR D 28 10.10 7.26 -51.55
C THR D 28 9.36 5.93 -51.52
N THR D 29 8.28 5.83 -52.31
CA THR D 29 7.41 4.68 -52.38
C THR D 29 7.35 4.17 -53.82
N ILE D 30 6.64 3.06 -54.02
CA ILE D 30 6.50 2.42 -55.32
C ILE D 30 5.04 2.47 -55.71
N ASN D 31 4.76 2.68 -57.00
CA ASN D 31 3.38 2.75 -57.48
C ASN D 31 3.33 2.39 -58.95
N TYR D 32 2.24 1.70 -59.33
CA TYR D 32 1.97 1.40 -60.73
C TYR D 32 0.56 1.81 -61.14
N TYR D 33 -0.16 2.54 -60.30
CA TYR D 33 -1.51 3.00 -60.60
C TYR D 33 -1.57 4.51 -60.49
N LYS D 34 -2.75 5.05 -60.81
CA LYS D 34 -2.98 6.49 -60.76
C LYS D 34 -3.55 6.96 -59.43
N ASP D 35 -3.59 6.10 -58.42
CA ASP D 35 -4.15 6.43 -57.12
C ASP D 35 -3.09 6.23 -56.05
N ALA D 36 -2.73 7.32 -55.37
CA ALA D 36 -1.63 7.32 -54.41
C ALA D 36 -1.91 6.54 -53.14
N TYR D 37 -3.17 6.17 -52.89
CA TYR D 37 -3.47 5.32 -51.75
C TYR D 37 -3.21 3.85 -52.04
N ALA D 38 -2.72 3.51 -53.23
CA ALA D 38 -2.32 2.17 -53.58
C ALA D 38 -0.84 1.91 -53.41
N ALA D 39 -0.07 2.93 -53.03
CA ALA D 39 1.38 2.84 -53.06
C ALA D 39 1.89 2.03 -51.87
N SER D 40 3.19 1.82 -51.84
CA SER D 40 3.85 1.09 -50.77
C SER D 40 3.97 1.96 -49.53
N ALA D 41 4.39 1.36 -48.43
CA ALA D 41 4.62 2.18 -47.24
C ALA D 41 5.99 2.85 -47.28
N GLY D 42 7.00 2.18 -47.80
CA GLY D 42 8.31 2.77 -47.92
C GLY D 42 9.02 2.91 -46.57
N ARG D 43 10.14 3.62 -46.62
CA ARG D 43 10.90 3.90 -45.42
C ARG D 43 10.19 4.98 -44.60
N GLN D 44 10.22 4.81 -43.29
CA GLN D 44 9.56 5.75 -42.40
C GLN D 44 10.53 6.81 -41.92
N ASP D 45 10.01 8.02 -41.71
CA ASP D 45 10.82 9.10 -41.18
C ASP D 45 11.10 8.88 -39.70
N MET D 46 12.20 9.44 -39.23
CA MET D 46 12.62 9.28 -37.84
C MET D 46 12.62 10.60 -37.10
N SER D 47 11.58 11.40 -37.32
CA SER D 47 11.44 12.68 -36.65
C SER D 47 10.76 12.49 -35.30
N GLN D 48 11.29 13.15 -34.28
CA GLN D 48 10.75 13.06 -32.94
C GLN D 48 10.65 14.46 -32.35
N ASP D 49 9.61 14.66 -31.56
CA ASP D 49 9.49 15.84 -30.69
C ASP D 49 8.94 15.39 -29.35
N PRO D 50 9.78 14.77 -28.51
CA PRO D 50 9.28 14.15 -27.29
C PRO D 50 9.04 15.12 -26.15
N LYS D 51 9.45 16.38 -26.28
CA LYS D 51 9.41 17.30 -25.17
C LYS D 51 8.02 17.88 -24.91
N ARG D 52 7.05 17.61 -25.78
CA ARG D 52 5.66 17.98 -25.51
C ARG D 52 4.86 16.84 -24.93
N PHE D 53 5.54 15.79 -24.48
CA PHE D 53 4.98 14.78 -23.60
C PHE D 53 5.76 14.64 -22.31
N THR D 54 7.05 14.96 -22.32
CA THR D 54 7.91 14.80 -21.16
C THR D 54 8.05 16.07 -20.35
N ASP D 55 7.96 17.24 -20.96
CA ASP D 55 7.99 18.51 -20.22
C ASP D 55 7.09 19.55 -20.88
N PRO D 56 5.78 19.43 -20.71
CA PRO D 56 4.85 20.42 -21.26
C PRO D 56 4.56 21.54 -20.27
N VAL D 57 5.61 22.19 -19.79
CA VAL D 57 5.54 23.16 -18.71
C VAL D 57 5.82 24.54 -19.30
N MET D 58 5.12 25.56 -18.78
CA MET D 58 5.12 26.89 -19.42
C MET D 58 6.48 27.57 -19.37
N ASP D 59 7.09 27.65 -18.19
CA ASP D 59 8.43 28.20 -18.11
C ASP D 59 9.47 27.10 -18.07
N VAL D 60 10.62 27.37 -18.67
CA VAL D 60 11.63 26.34 -18.92
C VAL D 60 12.32 26.00 -17.61
N ILE D 61 12.37 24.70 -17.30
CA ILE D 61 13.01 24.21 -16.09
C ILE D 61 14.41 23.72 -16.46
N HIS D 62 15.42 24.40 -15.91
CA HIS D 62 16.79 23.95 -16.10
C HIS D 62 17.03 22.70 -15.24
N GLU D 63 17.83 21.78 -15.78
CA GLU D 63 17.98 20.47 -15.15
C GLU D 63 18.85 20.55 -13.91
N MET D 64 20.02 21.18 -14.03
CA MET D 64 20.99 21.18 -12.94
C MET D 64 20.52 22.06 -11.78
N ALA D 65 19.75 23.10 -12.07
CA ALA D 65 19.09 23.92 -11.07
C ALA D 65 17.82 23.21 -10.57
N PRO D 66 17.39 23.48 -9.34
CA PRO D 66 16.10 22.94 -8.90
C PRO D 66 14.96 23.61 -9.62
N PRO D 67 13.83 22.90 -9.83
CA PRO D 67 12.70 23.48 -10.59
C PRO D 67 11.99 24.60 -9.84
N LEU D 68 11.72 24.41 -8.55
CA LEU D 68 11.02 25.41 -7.77
C LEU D 68 11.62 25.44 -6.37
N LYS D 69 11.56 26.61 -5.74
CA LYS D 69 12.09 26.80 -4.40
C LYS D 69 11.35 27.92 -3.68
N ASP E 1 9.51 9.78 30.00
CA ASP E 1 8.65 9.62 31.17
C ASP E 1 7.19 9.63 30.76
N ILE E 2 6.71 8.48 30.28
CA ILE E 2 5.30 8.29 29.98
C ILE E 2 4.74 7.36 31.03
N GLN E 3 4.08 7.92 32.03
CA GLN E 3 3.39 7.14 33.05
C GLN E 3 2.29 6.33 32.42
N MET E 4 2.23 5.04 32.75
CA MET E 4 1.29 4.12 32.12
C MET E 4 0.51 3.39 33.20
N THR E 5 -0.78 3.67 33.30
CA THR E 5 -1.61 3.23 34.42
C THR E 5 -2.34 1.95 34.05
N GLN E 6 -2.27 0.97 34.94
CA GLN E 6 -2.93 -0.32 34.77
C GLN E 6 -3.83 -0.53 35.97
N SER E 7 -5.15 -0.43 35.75
CA SER E 7 -6.13 -0.55 36.82
C SER E 7 -7.18 -1.57 36.42
N SER E 8 -7.54 -2.47 37.34
CA SER E 8 -7.04 -2.50 38.72
C SER E 8 -6.10 -3.66 38.97
N SER E 9 -5.49 -3.67 40.15
CA SER E 9 -4.43 -4.61 40.45
C SER E 9 -4.93 -6.03 40.72
N TYR E 10 -6.19 -6.19 41.09
CA TYR E 10 -6.75 -7.52 41.35
C TYR E 10 -8.05 -7.69 40.57
N LEU E 11 -8.21 -8.84 39.95
CA LEU E 11 -9.47 -9.23 39.35
C LEU E 11 -9.53 -10.75 39.32
N SER E 12 -10.75 -11.29 39.40
CA SER E 12 -10.95 -12.71 39.62
C SER E 12 -12.14 -13.19 38.80
N VAL E 13 -11.91 -14.17 37.93
CA VAL E 13 -13.00 -14.83 37.22
C VAL E 13 -12.67 -16.32 37.17
N SER E 14 -13.70 -17.15 37.01
CA SER E 14 -13.53 -18.58 37.05
C SER E 14 -13.17 -19.12 35.67
N LEU E 15 -12.93 -20.42 35.60
CA LEU E 15 -12.44 -21.04 34.36
C LEU E 15 -13.51 -21.06 33.30
N GLY E 16 -13.09 -21.03 32.04
CA GLY E 16 -14.00 -20.99 30.93
C GLY E 16 -14.64 -19.64 30.67
N GLY E 17 -14.18 -18.59 31.33
CA GLY E 17 -14.78 -17.27 31.23
C GLY E 17 -14.03 -16.36 30.30
N ARG E 18 -14.14 -15.05 30.55
CA ARG E 18 -13.51 -14.03 29.73
C ARG E 18 -12.91 -12.97 30.63
N VAL E 19 -11.61 -12.73 30.48
CA VAL E 19 -10.88 -11.72 31.22
C VAL E 19 -10.67 -10.54 30.28
N THR E 20 -10.57 -9.34 30.84
CA THR E 20 -10.25 -8.16 30.04
C THR E 20 -9.39 -7.25 30.91
N ILE E 21 -8.11 -7.15 30.56
CA ILE E 21 -7.15 -6.38 31.33
C ILE E 21 -6.85 -5.09 30.58
N THR E 22 -7.09 -3.96 31.23
CA THR E 22 -6.94 -2.66 30.60
C THR E 22 -5.64 -1.99 31.03
N CYS E 23 -5.10 -1.16 30.16
CA CYS E 23 -3.86 -0.43 30.40
C CYS E 23 -3.96 0.91 29.67
N LYS E 24 -3.95 2.01 30.41
CA LYS E 24 -4.10 3.34 29.85
C LYS E 24 -2.81 4.11 30.00
N ALA E 25 -2.39 4.77 28.93
CA ALA E 25 -1.17 5.56 28.93
C ALA E 25 -1.48 7.04 29.17
N SER E 26 -0.43 7.86 29.17
CA SER E 26 -0.58 9.30 29.33
C SER E 26 -0.28 10.08 28.06
N ASP E 27 0.67 9.63 27.26
CA ASP E 27 1.01 10.22 25.97
C ASP E 27 0.71 9.20 24.88
N HIS E 28 0.78 9.63 23.63
CA HIS E 28 0.57 8.71 22.52
C HIS E 28 1.78 7.81 22.35
N ILE E 29 1.55 6.50 22.31
CA ILE E 29 2.63 5.52 22.27
C ILE E 29 2.69 4.77 20.96
N ASN E 30 1.82 5.10 20.00
CA ASN E 30 1.93 4.69 18.59
C ASN E 30 1.82 3.16 18.44
N ASN E 31 0.91 2.56 19.21
CA ASN E 31 0.68 1.11 19.27
C ASN E 31 1.92 0.30 19.62
N TRP E 32 2.94 0.93 20.22
CA TRP E 32 4.15 0.22 20.61
C TRP E 32 4.02 -0.26 22.05
N LEU E 33 3.03 -1.12 22.28
CA LEU E 33 2.75 -1.69 23.58
C LEU E 33 2.94 -3.19 23.51
N ALA E 34 3.44 -3.77 24.59
CA ALA E 34 3.71 -5.20 24.69
C ALA E 34 3.16 -5.74 25.99
N TRP E 35 2.60 -6.95 25.94
CA TRP E 35 2.01 -7.61 27.08
C TRP E 35 2.90 -8.75 27.54
N TYR E 36 3.07 -8.87 28.86
CA TYR E 36 3.86 -9.93 29.44
C TYR E 36 3.04 -10.74 30.43
N GLN E 37 3.49 -11.95 30.71
CA GLN E 37 2.90 -12.81 31.73
C GLN E 37 4.02 -13.38 32.59
N GLN E 38 3.90 -13.23 33.91
CA GLN E 38 4.91 -13.70 34.84
C GLN E 38 4.25 -14.62 35.85
N LYS E 39 4.54 -15.92 35.76
CA LYS E 39 4.13 -16.85 36.79
C LYS E 39 4.97 -16.61 38.04
N PRO E 40 4.45 -16.94 39.24
CA PRO E 40 5.21 -16.66 40.46
C PRO E 40 6.46 -17.52 40.61
N GLY E 41 7.62 -16.89 40.44
CA GLY E 41 8.88 -17.59 40.59
C GLY E 41 9.80 -17.48 39.39
N ASN E 42 9.23 -17.48 38.19
CA ASN E 42 10.01 -17.51 36.97
C ASN E 42 10.07 -16.13 36.32
N ALA E 43 10.61 -16.08 35.11
CA ALA E 43 10.83 -14.88 34.32
C ALA E 43 9.58 -14.53 33.54
N PRO E 44 9.39 -13.26 33.17
CA PRO E 44 8.26 -12.90 32.31
C PRO E 44 8.36 -13.48 30.92
N ARG E 45 7.20 -13.75 30.33
CA ARG E 45 7.10 -14.26 28.98
C ARG E 45 6.27 -13.31 28.14
N LEU E 46 6.82 -12.90 27.00
CA LEU E 46 6.13 -11.96 26.12
C LEU E 46 5.01 -12.65 25.38
N LEU E 47 3.82 -12.07 25.42
CA LEU E 47 2.65 -12.63 24.75
C LEU E 47 2.27 -11.84 23.50
N ILE E 48 2.04 -10.55 23.65
CA ILE E 48 1.58 -9.68 22.57
C ILE E 48 2.66 -8.65 22.32
N SER E 49 2.93 -8.37 21.05
CA SER E 49 3.77 -7.25 20.66
C SER E 49 3.01 -6.39 19.66
N GLY E 50 3.05 -5.08 19.85
CA GLY E 50 2.38 -4.16 18.96
C GLY E 50 0.89 -4.08 19.13
N ALA E 51 0.35 -4.59 20.24
CA ALA E 51 -1.06 -4.61 20.64
C ALA E 51 -1.97 -5.41 19.71
N THR E 52 -1.43 -6.09 18.73
CA THR E 52 -2.21 -6.96 17.88
C THR E 52 -1.58 -8.34 17.69
N SER E 53 -0.26 -8.40 17.54
CA SER E 53 0.41 -9.60 17.09
C SER E 53 0.71 -10.56 18.23
N LEU E 54 0.55 -11.84 17.96
CA LEU E 54 0.90 -12.91 18.88
C LEU E 54 2.32 -13.36 18.62
N GLU E 55 3.01 -13.79 19.67
CA GLU E 55 4.31 -14.38 19.46
C GLU E 55 4.17 -15.85 19.11
N THR E 56 5.25 -16.43 18.63
CA THR E 56 5.24 -17.80 18.15
C THR E 56 5.33 -18.75 19.34
N GLY E 57 4.21 -19.40 19.65
CA GLY E 57 4.20 -20.36 20.73
C GLY E 57 3.06 -20.16 21.71
N VAL E 58 2.53 -18.95 21.78
CA VAL E 58 1.40 -18.68 22.66
C VAL E 58 0.13 -19.06 21.92
N PRO E 59 -0.90 -19.55 22.60
CA PRO E 59 -2.10 -20.03 21.91
C PRO E 59 -2.99 -18.89 21.42
N SER E 60 -4.06 -19.26 20.76
CA SER E 60 -5.00 -18.31 20.18
C SER E 60 -6.08 -17.86 21.17
N ARG E 61 -5.97 -18.24 22.43
CA ARG E 61 -6.90 -17.72 23.43
C ARG E 61 -6.60 -16.27 23.76
N PHE E 62 -5.34 -15.86 23.63
CA PHE E 62 -4.96 -14.48 23.83
C PHE E 62 -5.15 -13.70 22.54
N SER E 63 -5.72 -12.50 22.66
CA SER E 63 -5.88 -11.61 21.52
C SER E 63 -5.99 -10.19 22.06
N GLY E 64 -5.11 -9.32 21.59
CA GLY E 64 -5.08 -7.96 22.12
C GLY E 64 -5.68 -6.95 21.18
N SER E 65 -6.09 -5.81 21.71
CA SER E 65 -6.69 -4.74 20.92
C SER E 65 -6.39 -3.42 21.61
N GLY E 66 -6.84 -2.34 20.98
CA GLY E 66 -6.65 -1.03 21.58
C GLY E 66 -6.48 0.07 20.56
N SER E 67 -7.08 1.22 20.83
CA SER E 67 -7.00 2.37 19.93
C SER E 67 -7.16 3.63 20.74
N GLY E 68 -6.23 4.56 20.56
CA GLY E 68 -6.20 5.76 21.37
C GLY E 68 -5.12 5.67 22.42
N LYS E 69 -5.50 5.80 23.69
CA LYS E 69 -4.57 5.60 24.79
C LYS E 69 -4.97 4.43 25.68
N ASP E 70 -6.11 3.80 25.44
CA ASP E 70 -6.55 2.65 26.20
C ASP E 70 -6.36 1.38 25.40
N TYR E 71 -5.95 0.31 26.07
CA TYR E 71 -5.61 -0.96 25.45
C TYR E 71 -6.25 -2.09 26.22
N THR E 72 -6.14 -3.30 25.67
CA THR E 72 -6.96 -4.42 26.16
C THR E 72 -6.27 -5.73 25.83
N LEU E 73 -6.14 -6.60 26.83
CA LEU E 73 -5.76 -7.99 26.63
C LEU E 73 -6.92 -8.88 27.04
N SER E 74 -7.32 -9.80 26.18
CA SER E 74 -8.47 -10.66 26.43
C SER E 74 -8.07 -12.12 26.34
N ILE E 75 -8.45 -12.91 27.33
CA ILE E 75 -8.20 -14.34 27.36
C ILE E 75 -9.54 -15.05 27.29
N THR E 76 -9.80 -15.71 26.17
CA THR E 76 -11.02 -16.49 25.98
C THR E 76 -10.65 -17.86 25.42
N SER E 77 -10.85 -18.92 26.18
CA SER E 77 -11.37 -18.87 27.55
C SER E 77 -10.28 -19.30 28.52
N LEU E 78 -10.43 -18.90 29.78
CA LEU E 78 -9.36 -19.01 30.75
C LEU E 78 -9.17 -20.45 31.21
N GLN E 79 -7.94 -20.93 31.13
CA GLN E 79 -7.55 -22.23 31.63
C GLN E 79 -6.83 -22.07 32.96
N THR E 80 -6.29 -23.16 33.49
CA THR E 80 -5.64 -23.14 34.79
C THR E 80 -4.16 -22.79 34.72
N GLU E 81 -3.52 -22.93 33.57
CA GLU E 81 -2.13 -22.52 33.44
C GLU E 81 -1.99 -21.05 33.08
N ASP E 82 -3.10 -20.31 33.02
CA ASP E 82 -3.11 -18.91 32.64
C ASP E 82 -3.33 -17.99 33.81
N VAL E 83 -3.11 -18.46 35.03
CA VAL E 83 -3.28 -17.65 36.22
C VAL E 83 -1.91 -17.13 36.62
N ALA E 84 -1.66 -15.86 36.35
CA ALA E 84 -0.37 -15.22 36.60
C ALA E 84 -0.58 -13.71 36.61
N THR E 85 0.48 -12.99 36.94
CA THR E 85 0.45 -11.54 36.89
C THR E 85 0.71 -11.07 35.46
N TYR E 86 -0.04 -10.07 35.02
CA TYR E 86 0.03 -9.59 33.65
C TYR E 86 0.46 -8.13 33.63
N TYR E 87 1.47 -7.83 32.82
CA TYR E 87 2.05 -6.50 32.74
C TYR E 87 1.93 -5.95 31.32
N CYS E 88 1.74 -4.64 31.22
CA CYS E 88 1.89 -3.93 29.95
C CYS E 88 3.20 -3.15 29.97
N GLN E 89 3.78 -2.98 28.79
CA GLN E 89 5.04 -2.27 28.64
C GLN E 89 4.97 -1.32 27.46
N GLN E 90 5.52 -0.13 27.66
CA GLN E 90 5.58 0.92 26.65
C GLN E 90 7.02 1.07 26.19
N TYR E 91 7.26 0.82 24.89
CA TYR E 91 8.61 0.94 24.34
C TYR E 91 8.68 2.01 23.26
N TRP E 92 7.89 3.06 23.39
CA TRP E 92 7.91 4.17 22.45
C TRP E 92 8.90 5.25 22.86
N ASN E 93 9.15 5.40 24.15
CA ASN E 93 10.06 6.38 24.68
C ASN E 93 10.79 5.78 25.87
N SER E 94 11.93 6.36 26.20
CA SER E 94 12.65 5.89 27.38
C SER E 94 12.35 6.80 28.57
N PRO E 95 12.26 6.28 29.81
CA PRO E 95 12.42 4.90 30.28
C PRO E 95 11.22 4.02 29.95
N TYR E 96 11.51 2.77 29.62
CA TYR E 96 10.52 1.84 29.10
C TYR E 96 9.65 1.39 30.26
N THR E 97 8.58 2.15 30.49
CA THR E 97 7.79 2.03 31.70
C THR E 97 6.88 0.80 31.62
N PHE E 98 6.85 0.03 32.70
CA PHE E 98 5.92 -1.06 32.83
C PHE E 98 4.66 -0.61 33.56
N GLY E 99 3.63 -1.45 33.51
CA GLY E 99 2.40 -1.17 34.19
C GLY E 99 2.47 -1.58 35.65
N GLY E 100 1.30 -1.58 36.29
CA GLY E 100 1.23 -1.94 37.69
C GLY E 100 1.17 -3.44 37.88
N GLY E 101 0.45 -4.14 37.01
CA GLY E 101 0.31 -5.57 37.13
C GLY E 101 -1.03 -5.99 37.70
N THR E 102 -1.79 -6.74 36.92
CA THR E 102 -3.09 -7.25 37.33
C THR E 102 -2.98 -8.73 37.61
N LYS E 103 -3.05 -9.10 38.88
CA LYS E 103 -3.03 -10.51 39.26
C LYS E 103 -4.38 -11.14 39.01
N LEU E 104 -4.38 -12.34 38.47
CA LEU E 104 -5.60 -13.12 38.26
C LEU E 104 -5.79 -14.10 39.40
N GLU E 105 -7.04 -14.28 39.81
CA GLU E 105 -7.38 -15.28 40.81
C GLU E 105 -8.66 -15.99 40.38
N ILE E 106 -9.06 -16.98 41.17
CA ILE E 106 -10.21 -17.82 40.85
C ILE E 106 -11.39 -17.40 41.69
N LYS E 107 -12.58 -17.41 41.10
CA LYS E 107 -13.80 -16.96 41.74
C LYS E 107 -14.60 -18.16 42.23
N ARG E 108 -14.84 -18.23 43.53
CA ARG E 108 -15.64 -19.30 44.11
C ARG E 108 -16.40 -18.72 45.31
N ALA E 109 -17.07 -19.60 46.06
CA ALA E 109 -17.96 -19.17 47.12
C ALA E 109 -17.19 -18.62 48.32
N ASP E 110 -17.96 -18.05 49.26
CA ASP E 110 -17.40 -17.40 50.43
C ASP E 110 -17.20 -18.42 51.54
N ALA E 111 -16.23 -18.13 52.43
CA ALA E 111 -15.96 -18.98 53.58
C ALA E 111 -15.59 -18.10 54.76
N ALA E 112 -16.17 -18.38 55.91
CA ALA E 112 -15.95 -17.58 57.11
C ALA E 112 -14.62 -17.94 57.75
N PRO E 113 -13.94 -16.98 58.37
CA PRO E 113 -12.68 -17.29 59.04
C PRO E 113 -12.86 -18.02 60.36
N THR E 114 -11.88 -18.87 60.67
CA THR E 114 -11.88 -19.67 61.89
C THR E 114 -10.70 -19.20 62.76
N VAL E 115 -10.99 -18.28 63.67
CA VAL E 115 -9.94 -17.65 64.47
C VAL E 115 -9.52 -18.58 65.61
N SER E 116 -8.22 -18.82 65.74
CA SER E 116 -7.70 -19.71 66.77
C SER E 116 -6.47 -19.07 67.40
N ILE E 117 -6.65 -18.48 68.58
CA ILE E 117 -5.58 -17.81 69.30
C ILE E 117 -4.74 -18.86 70.01
N PHE E 118 -3.43 -18.68 69.99
CA PHE E 118 -2.55 -19.56 70.75
C PHE E 118 -1.78 -18.75 71.78
N PRO E 119 -1.72 -19.22 73.03
CA PRO E 119 -1.03 -18.49 74.08
C PRO E 119 0.48 -18.69 73.96
N PRO E 120 1.28 -17.85 74.62
CA PRO E 120 2.73 -18.07 74.62
C PRO E 120 3.12 -19.30 75.41
N SER E 121 4.15 -20.00 74.93
CA SER E 121 4.74 -21.08 75.69
C SER E 121 5.49 -20.52 76.90
N SER E 122 5.62 -21.35 77.93
CA SER E 122 6.27 -20.89 79.15
C SER E 122 7.78 -20.78 79.00
N GLU E 123 8.38 -21.66 78.19
CA GLU E 123 9.83 -21.71 78.05
C GLU E 123 10.40 -20.60 77.20
N GLN E 124 9.56 -19.90 76.43
CA GLN E 124 10.11 -18.96 75.47
C GLN E 124 10.22 -17.54 76.04
N LEU E 125 9.37 -17.16 76.99
CA LEU E 125 9.53 -15.87 77.63
C LEU E 125 10.53 -15.91 78.78
N THR E 126 11.12 -17.07 79.04
CA THR E 126 12.24 -17.16 79.98
C THR E 126 13.48 -16.45 79.47
N SER E 127 13.60 -16.29 78.15
CA SER E 127 14.66 -15.50 77.54
C SER E 127 14.37 -14.01 77.59
N GLY E 128 13.19 -13.60 78.07
CA GLY E 128 12.85 -12.21 78.20
C GLY E 128 11.85 -11.70 77.18
N GLY E 129 11.54 -12.47 76.17
CA GLY E 129 10.63 -12.05 75.11
C GLY E 129 9.53 -13.06 74.89
N ALA E 130 8.29 -12.56 74.86
CA ALA E 130 7.12 -13.36 74.56
C ALA E 130 6.64 -13.02 73.16
N SER E 131 5.72 -13.84 72.65
CA SER E 131 5.19 -13.62 71.30
C SER E 131 3.78 -14.21 71.24
N VAL E 132 2.79 -13.33 71.11
CA VAL E 132 1.40 -13.75 71.01
C VAL E 132 0.99 -13.79 69.54
N VAL E 133 0.17 -14.78 69.20
CA VAL E 133 -0.22 -15.02 67.82
C VAL E 133 -1.75 -15.12 67.78
N CYS E 134 -2.32 -14.79 66.61
CA CYS E 134 -3.75 -14.98 66.35
C CYS E 134 -3.87 -15.63 64.97
N PHE E 135 -3.83 -16.96 64.93
CA PHE E 135 -4.05 -17.67 63.68
C PHE E 135 -5.51 -17.62 63.27
N LEU E 136 -5.76 -17.41 61.99
CA LEU E 136 -7.04 -17.72 61.36
C LEU E 136 -6.77 -18.57 60.12
N ASN E 137 -7.73 -19.41 59.78
CA ASN E 137 -7.52 -20.50 58.85
C ASN E 137 -8.65 -20.59 57.84
N ASN E 138 -8.28 -20.65 56.55
CA ASN E 138 -9.15 -21.05 55.43
C ASN E 138 -10.38 -20.16 55.29
N PHE E 139 -10.16 -18.95 54.80
CA PHE E 139 -11.23 -18.00 54.56
C PHE E 139 -11.07 -17.35 53.18
N TYR E 140 -12.06 -16.51 52.82
CA TYR E 140 -12.19 -15.88 51.51
C TYR E 140 -13.27 -14.80 51.58
N PRO E 141 -13.09 -13.65 50.91
CA PRO E 141 -11.95 -13.11 50.16
C PRO E 141 -10.98 -12.33 51.06
N LYS E 142 -10.08 -11.54 50.48
CA LYS E 142 -8.90 -11.07 51.20
C LYS E 142 -9.09 -9.82 52.05
N ASP E 143 -9.75 -8.78 51.53
CA ASP E 143 -9.62 -7.43 52.08
C ASP E 143 -10.37 -7.26 53.40
N ILE E 144 -9.72 -7.71 54.49
CA ILE E 144 -10.25 -7.57 55.84
C ILE E 144 -9.25 -6.82 56.71
N ASN E 145 -9.60 -6.61 57.98
CA ASN E 145 -8.68 -6.04 58.95
C ASN E 145 -9.02 -6.65 60.31
N VAL E 146 -8.04 -7.32 60.91
CA VAL E 146 -8.22 -7.99 62.19
C VAL E 146 -7.70 -7.09 63.31
N LYS E 147 -8.52 -6.89 64.34
CA LYS E 147 -8.23 -5.94 65.41
C LYS E 147 -7.76 -6.70 66.66
N TRP E 148 -6.73 -6.15 67.31
CA TRP E 148 -6.17 -6.73 68.53
C TRP E 148 -6.73 -5.97 69.73
N LYS E 149 -7.21 -6.72 70.72
CA LYS E 149 -8.06 -6.18 71.78
C LYS E 149 -7.50 -6.58 73.14
N ILE E 150 -6.98 -5.61 73.88
CA ILE E 150 -6.51 -5.84 75.24
C ILE E 150 -7.30 -4.96 76.19
N ASP E 151 -8.15 -5.59 77.01
CA ASP E 151 -9.03 -4.97 78.01
C ASP E 151 -9.80 -3.76 77.48
N GLY E 152 -10.30 -3.85 76.26
CA GLY E 152 -11.07 -2.75 75.70
C GLY E 152 -10.25 -1.57 75.24
N SER E 153 -9.03 -1.81 74.76
CA SER E 153 -8.14 -0.74 74.36
C SER E 153 -7.56 -1.02 72.97
N GLU E 154 -7.30 0.05 72.24
CA GLU E 154 -6.74 -0.02 70.90
C GLU E 154 -5.23 -0.02 70.96
N ARG E 155 -4.60 -0.99 70.29
CA ARG E 155 -3.15 -1.16 70.37
C ARG E 155 -2.60 -1.49 68.98
N GLN E 156 -2.13 -0.45 68.28
CA GLN E 156 -1.23 -0.57 67.15
C GLN E 156 -0.39 0.70 67.14
N ASN E 157 0.88 0.62 66.76
CA ASN E 157 1.54 -0.49 66.07
C ASN E 157 2.20 -1.57 66.93
N GLY E 158 2.97 -2.42 66.25
CA GLY E 158 3.55 -3.61 66.82
C GLY E 158 3.09 -4.89 66.15
N VAL E 159 2.00 -4.82 65.39
CA VAL E 159 1.39 -6.00 64.79
C VAL E 159 2.00 -6.26 63.42
N LEU E 160 1.85 -7.49 62.94
CA LEU E 160 2.25 -7.84 61.59
C LEU E 160 1.41 -9.02 61.11
N ASN E 161 0.90 -8.92 59.90
CA ASN E 161 0.15 -9.98 59.25
C ASN E 161 0.96 -10.59 58.11
N SER E 162 0.80 -11.89 57.91
CA SER E 162 1.46 -12.60 56.82
C SER E 162 0.42 -13.47 56.15
N TRP E 163 -0.10 -13.02 55.01
CA TRP E 163 -1.11 -13.77 54.29
C TRP E 163 -0.46 -14.90 53.51
N THR E 164 -1.27 -15.57 52.70
CA THR E 164 -0.76 -16.44 51.66
C THR E 164 -1.61 -16.21 50.42
N ASP E 165 -1.10 -16.70 49.29
CA ASP E 165 -1.88 -16.66 48.06
C ASP E 165 -2.78 -17.89 48.02
N GLN E 166 -3.45 -18.11 46.90
CA GLN E 166 -4.42 -19.18 46.80
C GLN E 166 -3.74 -20.54 46.83
N ASP E 167 -4.42 -21.50 47.46
CA ASP E 167 -4.00 -22.90 47.41
C ASP E 167 -4.50 -23.52 46.10
N SER E 168 -4.19 -24.80 45.91
CA SER E 168 -4.21 -25.38 44.56
C SER E 168 -5.61 -25.65 44.05
N LYS E 169 -6.32 -26.60 44.66
CA LYS E 169 -7.57 -27.08 44.09
C LYS E 169 -8.82 -26.64 44.84
N ASP E 170 -8.68 -25.92 45.94
CA ASP E 170 -9.82 -25.51 46.73
C ASP E 170 -9.98 -24.00 46.89
N SER E 171 -8.97 -23.20 46.52
CA SER E 171 -9.07 -21.75 46.36
C SER E 171 -9.47 -21.04 47.67
N THR E 172 -8.56 -21.11 48.63
CA THR E 172 -8.85 -20.58 49.96
C THR E 172 -7.61 -19.84 50.47
N TYR E 173 -7.81 -18.93 51.42
CA TYR E 173 -6.75 -18.07 51.91
C TYR E 173 -6.54 -18.24 53.42
N SER E 174 -5.30 -18.03 53.86
CA SER E 174 -4.90 -18.15 55.26
C SER E 174 -4.09 -16.93 55.67
N MET E 175 -3.93 -16.73 56.97
CA MET E 175 -3.20 -15.57 57.48
C MET E 175 -2.63 -15.89 58.86
N SER E 176 -1.42 -15.40 59.11
CA SER E 176 -0.75 -15.52 60.39
C SER E 176 -0.45 -14.13 60.93
N SER E 177 -1.00 -13.79 62.09
CA SER E 177 -0.76 -12.52 62.75
C SER E 177 -0.11 -12.78 64.09
N THR E 178 1.15 -12.35 64.23
CA THR E 178 1.90 -12.51 65.47
C THR E 178 2.59 -11.19 65.79
N LEU E 179 3.07 -11.07 67.02
CA LEU E 179 3.78 -9.87 67.44
C LEU E 179 4.67 -10.23 68.63
N THR E 180 5.90 -9.75 68.59
CA THR E 180 6.85 -9.94 69.66
C THR E 180 6.67 -8.89 70.74
N LEU E 181 7.02 -9.27 71.97
CA LEU E 181 6.87 -8.40 73.13
C LEU E 181 7.84 -8.85 74.21
N THR E 182 8.50 -7.89 74.84
CA THR E 182 9.31 -8.19 76.00
C THR E 182 8.42 -8.61 77.16
N LYS E 183 8.90 -9.55 77.96
CA LYS E 183 8.01 -10.32 78.82
C LYS E 183 7.60 -9.58 80.09
N ASP E 184 8.16 -8.41 80.37
CA ASP E 184 7.70 -7.66 81.53
C ASP E 184 6.34 -7.01 81.27
N GLU E 185 6.11 -6.54 80.04
CA GLU E 185 4.82 -5.96 79.70
C GLU E 185 3.82 -7.04 79.28
N TYR E 186 4.24 -8.30 79.29
CA TYR E 186 3.31 -9.42 79.23
C TYR E 186 2.39 -9.46 80.45
N GLU E 187 2.87 -9.02 81.61
CA GLU E 187 2.04 -9.00 82.82
C GLU E 187 1.38 -7.64 83.05
N ARG E 188 1.17 -6.85 82.00
CA ARG E 188 0.34 -5.65 82.15
C ARG E 188 -1.11 -6.03 82.37
N HIS E 189 -1.62 -6.93 81.54
CA HIS E 189 -3.03 -7.29 81.56
C HIS E 189 -3.22 -8.79 81.47
N ASN E 190 -4.43 -9.23 81.20
CA ASN E 190 -4.78 -10.63 81.37
C ASN E 190 -5.46 -11.24 80.14
N SER E 191 -6.24 -10.45 79.40
CA SER E 191 -7.08 -10.99 78.35
C SER E 191 -6.27 -11.29 77.08
N TYR E 192 -6.88 -12.10 76.21
CA TYR E 192 -6.35 -12.37 74.87
C TYR E 192 -7.55 -12.41 73.93
N THR E 193 -7.74 -11.35 73.16
CA THR E 193 -8.89 -11.20 72.29
C THR E 193 -8.49 -10.57 70.96
N CYS E 194 -8.89 -11.21 69.85
CA CYS E 194 -8.66 -10.75 68.49
C CYS E 194 -10.01 -10.69 67.77
N GLU E 195 -10.47 -9.49 67.42
CA GLU E 195 -11.66 -9.37 66.57
C GLU E 195 -11.23 -9.38 65.10
N ALA E 196 -11.80 -10.30 64.33
CA ALA E 196 -11.60 -10.36 62.89
C ALA E 196 -12.92 -10.01 62.22
N THR E 197 -13.10 -8.73 61.95
CA THR E 197 -14.32 -8.24 61.31
C THR E 197 -14.32 -8.59 59.83
N HIS E 198 -15.51 -8.82 59.31
CA HIS E 198 -15.70 -9.20 57.91
C HIS E 198 -16.57 -8.15 57.23
N LYS E 199 -16.61 -8.22 55.89
CA LYS E 199 -17.26 -7.18 55.10
C LYS E 199 -18.78 -7.27 55.18
N THR E 200 -19.33 -8.44 54.87
CA THR E 200 -20.78 -8.62 54.92
C THR E 200 -21.26 -8.85 56.36
N SER E 201 -20.50 -9.62 57.13
CA SER E 201 -20.88 -9.96 58.49
C SER E 201 -20.77 -8.75 59.41
N THR E 202 -21.84 -8.49 60.17
CA THR E 202 -21.85 -7.35 61.08
C THR E 202 -20.98 -7.61 62.30
N SER E 203 -21.07 -8.81 62.88
CA SER E 203 -20.32 -9.12 64.08
C SER E 203 -19.10 -9.97 63.72
N PRO E 204 -17.95 -9.70 64.32
CA PRO E 204 -16.73 -10.44 63.97
C PRO E 204 -16.73 -11.84 64.57
N ILE E 205 -15.85 -12.68 64.04
CA ILE E 205 -15.63 -14.03 64.52
C ILE E 205 -14.49 -13.98 65.54
N VAL E 206 -14.83 -14.16 66.81
CA VAL E 206 -13.93 -13.88 67.93
C VAL E 206 -13.78 -15.15 68.76
N LYS E 207 -12.54 -15.51 69.06
CA LYS E 207 -12.24 -16.45 70.13
C LYS E 207 -11.51 -15.66 71.21
N SER E 208 -11.42 -16.23 72.42
CA SER E 208 -10.79 -15.56 73.54
C SER E 208 -9.87 -16.53 74.28
N PHE E 209 -8.95 -15.95 75.06
CA PHE E 209 -8.08 -16.72 75.94
C PHE E 209 -7.74 -15.86 77.15
N ASN E 210 -7.36 -16.51 78.24
CA ASN E 210 -7.00 -15.83 79.47
C ASN E 210 -5.88 -16.58 80.16
N ARG E 211 -5.03 -15.82 80.86
CA ARG E 211 -3.89 -16.40 81.56
C ARG E 211 -4.31 -17.08 82.86
N ASN E 212 -5.32 -16.55 83.54
CA ASN E 212 -5.77 -17.08 84.83
C ASN E 212 -6.68 -18.30 84.71
N GLU E 213 -6.81 -18.91 83.53
CA GLU E 213 -7.62 -20.11 83.37
C GLU E 213 -6.93 -21.31 84.02
N GLN F 1 18.69 -22.40 19.52
CA GLN F 1 17.98 -21.88 20.68
C GLN F 1 18.82 -20.83 21.39
N VAL F 2 18.21 -19.69 21.70
CA VAL F 2 18.88 -18.59 22.38
C VAL F 2 18.48 -18.58 23.85
N GLN F 3 19.47 -18.60 24.73
CA GLN F 3 19.27 -18.68 26.18
C GLN F 3 20.22 -17.72 26.86
N LEU F 4 19.75 -17.10 27.95
CA LEU F 4 20.58 -16.24 28.78
C LEU F 4 20.69 -16.87 30.16
N GLN F 5 21.91 -16.93 30.69
CA GLN F 5 22.20 -17.59 31.95
C GLN F 5 22.93 -16.62 32.86
N GLN F 6 22.32 -16.26 33.97
CA GLN F 6 22.91 -15.29 34.87
C GLN F 6 23.70 -15.99 35.98
N SER F 7 24.35 -15.19 36.80
CA SER F 7 25.04 -15.69 37.97
C SER F 7 24.04 -16.04 39.06
N GLY F 8 24.55 -16.68 40.12
CA GLY F 8 23.72 -17.12 41.21
C GLY F 8 23.38 -15.99 42.17
N PRO F 9 22.81 -16.34 43.32
CA PRO F 9 22.49 -15.31 44.31
C PRO F 9 23.74 -14.79 45.01
N GLU F 10 23.62 -13.59 45.56
CA GLU F 10 24.67 -12.99 46.37
C GLU F 10 24.05 -12.41 47.63
N LEU F 11 24.93 -12.08 48.58
CA LEU F 11 24.53 -11.47 49.85
C LEU F 11 25.74 -10.70 50.37
N VAL F 12 25.61 -9.38 50.47
CA VAL F 12 26.73 -8.52 50.86
C VAL F 12 26.29 -7.56 51.95
N LYS F 13 27.28 -6.93 52.57
CA LYS F 13 27.07 -5.97 53.65
C LYS F 13 26.62 -4.65 53.07
N PRO F 14 26.01 -3.77 53.89
CA PRO F 14 25.72 -2.41 53.43
C PRO F 14 26.98 -1.62 53.16
N GLY F 15 27.07 -1.06 51.95
CA GLY F 15 28.20 -0.27 51.54
C GLY F 15 29.13 -0.96 50.56
N ALA F 16 28.90 -2.22 50.26
CA ALA F 16 29.77 -2.97 49.35
C ALA F 16 29.25 -2.85 47.92
N SER F 17 29.79 -3.68 47.03
CA SER F 17 29.40 -3.67 45.63
C SER F 17 29.44 -5.09 45.10
N VAL F 18 28.60 -5.37 44.11
CA VAL F 18 28.49 -6.67 43.49
C VAL F 18 28.69 -6.52 41.98
N LYS F 19 28.83 -7.65 41.31
CA LYS F 19 28.97 -7.67 39.86
C LYS F 19 28.18 -8.85 39.33
N ILE F 20 27.01 -8.57 38.79
CA ILE F 20 26.11 -9.60 38.26
C ILE F 20 26.47 -9.84 36.80
N SER F 21 26.70 -11.10 36.45
CA SER F 21 26.96 -11.48 35.07
C SER F 21 25.69 -12.02 34.42
N CYS F 22 25.70 -12.07 33.09
CA CYS F 22 24.57 -12.59 32.31
C CYS F 22 25.14 -13.08 30.98
N LYS F 23 25.30 -14.40 30.86
CA LYS F 23 25.96 -15.00 29.71
C LYS F 23 24.95 -15.32 28.63
N ALA F 24 25.13 -14.73 27.46
CA ALA F 24 24.29 -15.01 26.30
C ALA F 24 24.87 -16.19 25.52
N SER F 25 24.00 -16.84 24.76
CA SER F 25 24.41 -18.01 23.99
C SER F 25 23.49 -18.18 22.80
N GLY F 26 24.06 -18.68 21.71
CA GLY F 26 23.29 -19.00 20.52
C GLY F 26 22.77 -17.78 19.79
N TYR F 27 23.58 -16.74 19.67
CA TYR F 27 23.11 -15.46 19.17
C TYR F 27 24.33 -14.61 18.80
N ALA F 28 24.15 -13.73 17.82
CA ALA F 28 25.14 -12.71 17.50
C ALA F 28 25.11 -11.66 18.60
N PHE F 29 26.11 -11.69 19.48
CA PHE F 29 26.05 -10.93 20.72
C PHE F 29 26.37 -9.46 20.54
N SER F 30 27.26 -9.12 19.60
CA SER F 30 27.73 -7.75 19.47
C SER F 30 26.79 -6.86 18.67
N THR F 31 25.65 -7.37 18.21
CA THR F 31 24.76 -6.59 17.36
C THR F 31 23.34 -6.56 17.92
N SER F 32 23.18 -6.60 19.23
CA SER F 32 21.86 -6.42 19.83
C SER F 32 21.99 -5.88 21.23
N TRP F 33 21.03 -5.06 21.64
CA TRP F 33 21.03 -4.47 22.95
C TRP F 33 20.69 -5.50 24.02
N MET F 34 21.28 -5.31 25.20
CA MET F 34 21.05 -6.19 26.35
C MET F 34 20.62 -5.32 27.52
N ASN F 35 19.41 -5.55 28.02
CA ASN F 35 18.80 -4.70 29.02
C ASN F 35 18.90 -5.31 30.41
N TRP F 36 18.49 -4.54 31.41
CA TRP F 36 18.48 -4.97 32.80
C TRP F 36 17.22 -4.44 33.47
N VAL F 37 16.47 -5.34 34.11
CA VAL F 37 15.19 -5.02 34.74
C VAL F 37 15.27 -5.42 36.20
N ILE F 38 14.83 -4.51 37.09
CA ILE F 38 14.79 -4.75 38.53
C ILE F 38 13.35 -5.03 38.96
N GLN F 39 13.17 -5.99 39.85
CA GLN F 39 11.86 -6.28 40.43
C GLN F 39 11.98 -6.26 41.94
N ARG F 40 11.50 -5.19 42.56
CA ARG F 40 11.46 -5.12 44.01
C ARG F 40 10.27 -5.91 44.53
N PRO F 41 10.39 -6.57 45.68
CA PRO F 41 9.30 -7.44 46.15
C PRO F 41 8.14 -6.61 46.68
N GLY F 42 6.94 -6.85 46.15
CA GLY F 42 6.69 -7.79 45.08
C GLY F 42 5.71 -7.22 44.07
N GLN F 43 5.81 -5.91 43.83
CA GLN F 43 4.75 -5.16 43.19
C GLN F 43 5.14 -4.50 41.87
N GLY F 44 6.43 -4.35 41.57
CA GLY F 44 6.87 -3.51 40.48
C GLY F 44 7.79 -4.24 39.51
N LEU F 45 8.13 -3.53 38.43
CA LEU F 45 9.04 -4.02 37.40
C LEU F 45 9.54 -2.80 36.67
N GLU F 46 10.82 -2.47 36.83
CA GLU F 46 11.33 -1.21 36.32
C GLU F 46 12.62 -1.45 35.54
N TRP F 47 12.86 -0.59 34.56
CA TRP F 47 14.04 -0.62 33.71
C TRP F 47 15.23 0.05 34.39
N ILE F 48 16.42 -0.46 34.11
CA ILE F 48 17.66 0.13 34.61
C ILE F 48 18.49 0.70 33.48
N GLY F 49 18.94 -0.14 32.56
CA GLY F 49 19.79 0.33 31.48
C GLY F 49 19.99 -0.73 30.43
N ARG F 50 20.52 -0.29 29.29
CA ARG F 50 20.83 -1.17 28.19
C ARG F 50 22.26 -0.92 27.73
N ILE F 51 22.79 -1.87 26.97
CA ILE F 51 24.16 -1.79 26.48
C ILE F 51 24.22 -2.43 25.10
N TYR F 52 24.94 -1.77 24.19
CA TYR F 52 25.28 -2.37 22.91
C TYR F 52 26.70 -2.88 23.00
N PRO F 53 26.91 -4.19 23.05
CA PRO F 53 28.27 -4.72 23.27
C PRO F 53 29.22 -4.53 22.10
N GLY F 54 28.74 -4.09 20.94
CA GLY F 54 29.62 -3.84 19.81
C GLY F 54 30.52 -2.65 19.98
N ASP F 55 29.93 -1.46 20.21
CA ASP F 55 30.70 -0.25 20.42
C ASP F 55 30.86 0.10 21.89
N GLY F 56 29.99 -0.40 22.76
CA GLY F 56 30.16 -0.23 24.18
C GLY F 56 29.40 0.90 24.81
N ASP F 57 28.47 1.53 24.10
CA ASP F 57 27.76 2.64 24.68
C ASP F 57 26.64 2.16 25.59
N THR F 58 26.23 3.03 26.50
CA THR F 58 25.31 2.65 27.56
C THR F 58 24.28 3.76 27.71
N ASN F 59 23.03 3.38 27.97
CA ASN F 59 21.96 4.32 28.26
C ASN F 59 21.30 3.91 29.57
N TYR F 60 21.41 4.76 30.58
CA TYR F 60 20.89 4.49 31.92
C TYR F 60 19.55 5.18 32.14
N ASN F 61 18.81 4.66 33.11
CA ASN F 61 17.66 5.36 33.65
C ASN F 61 18.14 6.51 34.53
N GLY F 62 17.26 7.49 34.73
CA GLY F 62 17.63 8.66 35.50
C GLY F 62 17.81 8.38 36.98
N LYS F 63 17.01 7.47 37.53
CA LYS F 63 17.07 7.14 38.95
C LYS F 63 17.97 5.95 39.23
N PHE F 64 18.87 5.62 38.30
CA PHE F 64 19.89 4.60 38.53
C PHE F 64 21.23 5.01 37.95
N LYS F 65 21.50 6.32 37.85
CA LYS F 65 22.71 6.78 37.16
C LYS F 65 23.96 6.51 37.99
N GLY F 66 24.00 7.03 39.21
CA GLY F 66 25.20 6.87 40.00
C GLY F 66 25.36 5.54 40.68
N LYS F 67 24.36 4.67 40.58
CA LYS F 67 24.37 3.44 41.35
C LYS F 67 24.80 2.24 40.53
N ALA F 68 24.40 2.17 39.27
CA ALA F 68 24.70 1.02 38.41
C ALA F 68 25.62 1.44 37.28
N THR F 69 26.53 0.54 36.90
CA THR F 69 27.41 0.76 35.78
C THR F 69 27.60 -0.56 35.02
N LEU F 70 27.56 -0.47 33.70
CA LEU F 70 27.44 -1.64 32.83
C LEU F 70 28.63 -1.71 31.89
N THR F 71 29.17 -2.92 31.74
CA THR F 71 30.20 -3.22 30.75
C THR F 71 29.83 -4.52 30.06
N ALA F 72 30.64 -4.90 29.07
CA ALA F 72 30.37 -6.10 28.30
C ALA F 72 31.67 -6.62 27.71
N ASP F 73 31.84 -7.94 27.73
CA ASP F 73 33.04 -8.58 27.20
C ASP F 73 32.62 -9.48 26.05
N LYS F 74 32.97 -9.10 24.83
CA LYS F 74 32.58 -9.85 23.64
C LYS F 74 33.45 -11.07 23.40
N SER F 75 34.61 -11.16 24.04
CA SER F 75 35.43 -12.35 23.92
C SER F 75 34.83 -13.52 24.68
N SER F 76 33.95 -13.26 25.65
CA SER F 76 33.27 -14.30 26.39
C SER F 76 31.76 -14.31 26.18
N SER F 77 31.21 -13.31 25.50
CA SER F 77 29.77 -13.07 25.35
C SER F 77 29.06 -13.01 26.71
N THR F 78 29.45 -12.01 27.51
CA THR F 78 28.99 -11.89 28.88
C THR F 78 28.81 -10.43 29.22
N ALA F 79 27.62 -10.07 29.69
CA ALA F 79 27.36 -8.73 30.20
C ALA F 79 27.65 -8.68 31.69
N TYR F 80 27.82 -7.47 32.20
CA TYR F 80 28.09 -7.27 33.62
C TYR F 80 27.33 -6.06 34.11
N MET F 81 26.83 -6.14 35.34
CA MET F 81 26.23 -5.00 36.01
C MET F 81 26.88 -4.84 37.38
N GLN F 82 27.57 -3.73 37.58
CA GLN F 82 28.21 -3.43 38.86
C GLN F 82 27.36 -2.41 39.60
N LEU F 83 26.64 -2.88 40.61
CA LEU F 83 25.89 -2.00 41.50
C LEU F 83 26.79 -1.59 42.65
N SER F 84 26.93 -0.30 42.86
CA SER F 84 27.81 0.23 43.88
C SER F 84 27.01 1.03 44.91
N SER F 85 27.61 1.19 46.09
CA SER F 85 27.02 1.85 47.26
C SER F 85 25.68 1.20 47.64
N LEU F 86 25.75 -0.09 47.92
CA LEU F 86 24.55 -0.89 48.10
C LEU F 86 23.93 -0.61 49.45
N THR F 87 22.60 -0.38 49.46
CA THR F 87 21.86 -0.07 50.67
C THR F 87 20.69 -1.02 50.84
N SER F 88 19.81 -0.73 51.80
CA SER F 88 18.71 -1.61 52.14
C SER F 88 17.60 -1.60 51.10
N VAL F 89 17.50 -0.53 50.30
CA VAL F 89 16.50 -0.48 49.23
C VAL F 89 16.98 -1.22 47.99
N ASP F 90 18.23 -1.68 47.97
CA ASP F 90 18.80 -2.41 46.85
C ASP F 90 18.64 -3.91 47.00
N SER F 91 17.59 -4.37 47.66
CA SER F 91 17.31 -5.80 47.82
C SER F 91 16.17 -6.16 46.90
N ALA F 92 16.49 -6.76 45.75
CA ALA F 92 15.49 -7.05 44.74
C ALA F 92 15.98 -8.20 43.87
N VAL F 93 15.26 -8.47 42.78
CA VAL F 93 15.63 -9.49 41.80
C VAL F 93 15.96 -8.76 40.50
N TYR F 94 17.11 -9.09 39.92
CA TYR F 94 17.66 -8.37 38.78
C TYR F 94 17.64 -9.26 37.55
N PHE F 95 16.90 -8.85 36.53
CA PHE F 95 16.74 -9.63 35.31
C PHE F 95 17.63 -9.10 34.19
N CYS F 96 17.77 -9.92 33.15
CA CYS F 96 18.64 -9.62 32.01
C CYS F 96 17.87 -9.99 30.76
N ALA F 97 17.46 -9.00 29.97
CA ALA F 97 16.64 -9.23 28.79
C ALA F 97 17.27 -8.60 27.57
N ARG F 98 16.96 -9.16 26.40
CA ARG F 98 17.47 -8.63 25.15
C ARG F 98 16.34 -8.04 24.33
N ARG F 99 16.70 -7.07 23.49
CA ARG F 99 15.73 -6.27 22.75
C ARG F 99 15.78 -6.65 21.28
N ASP F 100 14.62 -7.01 20.73
CA ASP F 100 14.55 -7.42 19.33
C ASP F 100 14.00 -6.31 18.45
N TYR F 101 12.79 -5.85 18.74
CA TYR F 101 12.15 -4.79 17.97
C TYR F 101 11.53 -3.79 18.92
N GLY F 102 12.26 -3.41 19.95
CA GLY F 102 11.78 -2.54 20.98
C GLY F 102 11.28 -3.29 22.21
N TYR F 103 10.72 -4.47 22.03
CA TYR F 103 10.26 -5.26 23.15
C TYR F 103 11.35 -6.20 23.64
N PHE F 104 11.13 -6.74 24.83
CA PHE F 104 12.04 -7.72 25.43
C PHE F 104 11.47 -9.10 25.12
N ASP F 105 12.12 -9.83 24.21
CA ASP F 105 11.58 -11.10 23.77
C ASP F 105 12.10 -12.27 24.59
N TYR F 106 13.37 -12.24 24.98
CA TYR F 106 13.96 -13.31 25.77
C TYR F 106 14.50 -12.75 27.07
N TRP F 107 14.26 -13.45 28.16
CA TRP F 107 14.69 -13.02 29.48
C TRP F 107 15.65 -14.04 30.06
N GLY F 108 16.29 -13.67 31.16
CA GLY F 108 17.21 -14.54 31.86
C GLY F 108 16.49 -15.47 32.79
N GLN F 109 17.18 -15.86 33.86
CA GLN F 109 16.57 -16.68 34.91
C GLN F 109 16.19 -15.88 36.13
N GLY F 110 16.91 -14.81 36.43
CA GLY F 110 16.61 -13.99 37.58
C GLY F 110 17.54 -14.26 38.75
N THR F 111 18.53 -13.39 38.93
CA THR F 111 19.38 -13.45 40.10
C THR F 111 18.80 -12.59 41.22
N THR F 112 19.00 -13.04 42.45
CA THR F 112 18.49 -12.33 43.61
C THR F 112 19.65 -11.80 44.44
N LEU F 113 19.41 -10.67 45.08
CA LEU F 113 20.45 -9.96 45.82
C LEU F 113 19.83 -9.37 47.06
N THR F 114 20.34 -9.75 48.23
CA THR F 114 19.92 -9.21 49.51
C THR F 114 21.10 -8.54 50.18
N VAL F 115 20.87 -7.37 50.77
CA VAL F 115 21.91 -6.59 51.42
C VAL F 115 21.56 -6.49 52.90
N SER F 116 22.34 -7.14 53.75
CA SER F 116 22.10 -7.11 55.18
C SER F 116 23.42 -7.32 55.90
N SER F 117 23.53 -6.75 57.09
CA SER F 117 24.73 -6.85 57.90
C SER F 117 24.66 -7.95 58.94
N ALA F 118 23.51 -8.63 59.08
CA ALA F 118 23.38 -9.66 60.10
C ALA F 118 24.11 -10.93 59.67
N LYS F 119 24.67 -11.64 60.64
CA LYS F 119 25.37 -12.89 60.42
C LYS F 119 24.44 -14.05 60.78
N THR F 120 24.76 -15.23 60.24
CA THR F 120 23.93 -16.44 60.30
C THR F 120 23.60 -16.88 61.72
N THR F 121 22.32 -16.79 62.09
CA THR F 121 21.82 -17.16 63.40
C THR F 121 21.07 -18.48 63.34
N PRO F 122 21.18 -19.31 64.38
CA PRO F 122 20.34 -20.50 64.44
C PRO F 122 18.92 -20.12 64.81
N PRO F 123 17.92 -20.81 64.25
CA PRO F 123 16.54 -20.48 64.55
C PRO F 123 16.11 -21.04 65.90
N SER F 124 15.01 -20.49 66.41
CA SER F 124 14.43 -20.90 67.68
C SER F 124 13.01 -21.38 67.43
N VAL F 125 12.75 -22.63 67.79
CA VAL F 125 11.44 -23.24 67.58
C VAL F 125 10.62 -23.13 68.86
N TYR F 126 9.49 -22.43 68.78
CA TYR F 126 8.62 -22.18 69.91
C TYR F 126 7.25 -22.78 69.61
N PRO F 127 6.71 -23.63 70.50
CA PRO F 127 5.45 -24.31 70.19
C PRO F 127 4.24 -23.43 70.44
N LEU F 128 3.17 -23.73 69.69
CA LEU F 128 1.87 -23.05 69.80
C LEU F 128 0.82 -24.15 69.92
N ALA F 129 0.57 -24.59 71.15
CA ALA F 129 -0.31 -25.72 71.39
C ALA F 129 -1.38 -25.38 72.43
N PRO F 130 -2.64 -25.72 72.16
CA PRO F 130 -3.66 -25.63 73.20
C PRO F 130 -3.64 -26.84 74.10
N GLY F 131 -3.80 -26.63 75.41
CA GLY F 131 -4.03 -25.32 76.01
C GLY F 131 -4.49 -25.42 77.45
N CYS F 132 -4.05 -24.45 78.26
CA CYS F 132 -4.40 -24.41 79.68
C CYS F 132 -5.65 -23.56 79.86
N GLY F 133 -6.80 -24.12 79.49
CA GLY F 133 -8.06 -23.46 79.72
C GLY F 133 -9.12 -23.61 78.63
N ASP F 134 -8.70 -23.68 77.36
CA ASP F 134 -9.65 -23.74 76.25
C ASP F 134 -9.24 -24.85 75.29
N THR F 135 -10.20 -25.72 74.97
CA THR F 135 -9.98 -26.81 74.04
C THR F 135 -11.17 -26.95 73.08
N THR F 136 -12.22 -26.14 73.27
CA THR F 136 -13.46 -26.23 72.51
C THR F 136 -13.22 -25.87 71.04
N GLY F 137 -13.57 -26.78 70.13
CA GLY F 137 -14.25 -28.03 70.42
C GLY F 137 -13.63 -29.31 69.89
N SER F 138 -14.43 -30.04 69.10
CA SER F 138 -14.06 -31.37 68.63
C SER F 138 -13.05 -31.36 67.48
N SER F 139 -12.60 -30.18 67.03
CA SER F 139 -11.52 -30.11 66.06
C SER F 139 -10.75 -28.83 66.31
N VAL F 140 -9.43 -28.95 66.43
CA VAL F 140 -8.57 -27.83 66.82
C VAL F 140 -7.30 -27.86 65.98
N THR F 141 -6.91 -26.69 65.47
CA THR F 141 -5.66 -26.58 64.74
C THR F 141 -4.49 -26.41 65.70
N LEU F 142 -3.29 -26.71 65.19
CA LEU F 142 -2.08 -26.56 65.98
C LEU F 142 -0.93 -26.23 65.05
N GLY F 143 0.01 -25.41 65.55
CA GLY F 143 1.16 -25.05 64.78
C GLY F 143 2.38 -24.85 65.67
N CYS F 144 3.48 -24.45 65.04
CA CYS F 144 4.70 -24.15 65.77
C CYS F 144 5.38 -22.93 65.16
N LEU F 145 5.91 -22.08 66.02
CA LEU F 145 6.50 -20.81 65.64
C LEU F 145 8.02 -20.97 65.52
N VAL F 146 8.58 -20.35 64.49
CA VAL F 146 10.02 -20.31 64.27
C VAL F 146 10.43 -18.85 64.17
N LYS F 147 11.40 -18.44 64.98
CA LYS F 147 11.86 -17.06 64.96
C LYS F 147 13.38 -17.05 64.99
N GLY F 148 13.96 -15.96 64.49
CA GLY F 148 15.37 -15.73 64.62
C GLY F 148 16.30 -16.50 63.69
N TYR F 149 16.19 -16.28 62.38
CA TYR F 149 16.99 -17.04 61.43
C TYR F 149 17.35 -16.17 60.23
N PHE F 150 18.52 -16.45 59.67
CA PHE F 150 19.07 -15.70 58.54
C PHE F 150 20.11 -16.55 57.84
N PRO F 151 20.08 -16.64 56.49
CA PRO F 151 19.15 -15.98 55.57
C PRO F 151 17.85 -16.77 55.41
N GLU F 152 16.87 -16.16 54.74
CA GLU F 152 15.65 -16.87 54.41
C GLU F 152 15.91 -17.91 53.32
N SER F 153 15.27 -19.06 53.41
CA SER F 153 14.37 -19.46 54.51
C SER F 153 14.65 -20.89 54.95
N VAL F 154 13.83 -21.37 55.87
CA VAL F 154 13.94 -22.74 56.37
C VAL F 154 12.78 -23.55 55.82
N THR F 155 12.96 -24.88 55.84
CA THR F 155 11.96 -25.82 55.37
C THR F 155 11.44 -26.59 56.58
N VAL F 156 10.25 -26.24 57.03
CA VAL F 156 9.63 -26.87 58.19
C VAL F 156 8.70 -27.97 57.70
N THR F 157 8.92 -29.19 58.19
CA THR F 157 8.15 -30.36 57.81
C THR F 157 7.41 -30.92 59.03
N TRP F 158 6.45 -31.80 58.77
CA TRP F 158 5.61 -32.36 59.83
C TRP F 158 5.54 -33.87 59.70
N ASN F 159 6.00 -34.57 60.75
CA ASN F 159 5.91 -36.02 60.89
C ASN F 159 6.56 -36.77 59.73
N SER F 160 7.77 -36.32 59.36
CA SER F 160 8.63 -36.95 58.35
C SER F 160 7.96 -37.00 56.98
N GLY F 161 7.21 -35.94 56.66
CA GLY F 161 6.57 -35.83 55.37
C GLY F 161 5.26 -36.57 55.23
N SER F 162 4.67 -37.03 56.32
CA SER F 162 3.41 -37.77 56.25
C SER F 162 2.19 -36.86 56.29
N LEU F 163 2.30 -35.68 56.89
CA LEU F 163 1.21 -34.70 56.89
C LEU F 163 1.43 -33.73 55.74
N SER F 164 0.51 -33.74 54.78
CA SER F 164 0.47 -32.73 53.74
C SER F 164 -0.94 -32.23 53.45
N SER F 165 -1.98 -32.90 53.93
CA SER F 165 -3.37 -32.51 53.70
C SER F 165 -3.89 -31.51 54.74
N SER F 166 -3.03 -31.04 55.64
CA SER F 166 -3.43 -30.06 56.63
C SER F 166 -2.39 -28.99 56.86
N VAL F 167 -1.33 -28.95 56.07
CA VAL F 167 -0.20 -28.08 56.37
C VAL F 167 -0.45 -26.67 55.83
N HIS F 168 0.15 -25.70 56.50
CA HIS F 168 0.09 -24.30 56.07
C HIS F 168 1.45 -23.67 56.34
N THR F 169 2.33 -23.73 55.35
CA THR F 169 3.64 -23.11 55.46
C THR F 169 3.52 -21.63 55.13
N PHE F 170 3.76 -20.79 56.11
CA PHE F 170 3.57 -19.38 55.84
C PHE F 170 4.88 -18.73 55.44
N PRO F 171 4.85 -17.73 54.56
CA PRO F 171 6.09 -17.06 54.16
C PRO F 171 6.64 -16.20 55.28
N ALA F 172 7.94 -15.92 55.17
CA ALA F 172 8.63 -15.15 56.18
C ALA F 172 8.27 -13.68 56.10
N LEU F 173 8.45 -12.97 57.22
CA LEU F 173 8.34 -11.53 57.25
C LEU F 173 9.29 -11.03 58.33
N LEU F 174 10.40 -10.43 57.90
CA LEU F 174 11.48 -10.09 58.81
C LEU F 174 11.11 -8.92 59.71
N GLN F 175 11.71 -8.91 60.90
CA GLN F 175 11.53 -7.81 61.84
C GLN F 175 12.77 -7.73 62.72
N SER F 176 13.17 -6.48 63.04
CA SER F 176 14.42 -6.17 63.73
C SER F 176 15.65 -6.75 63.03
N GLY F 177 15.60 -6.81 61.70
CA GLY F 177 16.68 -7.35 60.93
C GLY F 177 16.79 -8.87 60.93
N LEU F 178 15.74 -9.58 61.32
CA LEU F 178 15.83 -11.03 61.43
C LEU F 178 14.47 -11.67 61.16
N TYR F 179 14.48 -12.82 60.48
CA TYR F 179 13.27 -13.38 59.89
C TYR F 179 12.40 -14.09 60.93
N THR F 180 11.20 -14.46 60.49
CA THR F 180 10.17 -15.08 61.33
C THR F 180 9.14 -15.77 60.44
N MET F 181 8.85 -17.04 60.71
CA MET F 181 7.81 -17.77 59.99
C MET F 181 7.00 -18.62 60.95
N SER F 182 5.94 -19.23 60.43
CA SER F 182 5.05 -20.06 61.24
C SER F 182 4.48 -21.18 60.38
N SER F 183 3.86 -22.15 61.05
CA SER F 183 3.18 -23.26 60.40
C SER F 183 1.88 -23.55 61.12
N SER F 184 1.04 -24.39 60.51
CA SER F 184 -0.27 -24.73 61.07
C SER F 184 -0.71 -26.09 60.55
N VAL F 185 -1.29 -26.89 61.44
CA VAL F 185 -1.87 -28.19 61.09
C VAL F 185 -3.18 -28.34 61.87
N THR F 186 -4.27 -28.63 61.17
CA THR F 186 -5.55 -28.88 61.82
C THR F 186 -5.73 -30.38 62.04
N VAL F 187 -6.13 -30.74 63.26
CA VAL F 187 -6.46 -32.12 63.60
C VAL F 187 -7.83 -32.16 64.28
N PRO F 188 -8.58 -33.24 64.17
CA PRO F 188 -9.76 -33.41 65.03
C PRO F 188 -9.33 -33.76 66.44
N SER F 189 -10.26 -33.59 67.38
CA SER F 189 -9.98 -33.92 68.77
C SER F 189 -9.94 -35.42 69.02
N SER F 190 -10.44 -36.23 68.10
CA SER F 190 -10.34 -37.67 68.21
C SER F 190 -8.92 -38.17 68.01
N THR F 191 -8.05 -37.36 67.40
CA THR F 191 -6.64 -37.72 67.21
C THR F 191 -5.69 -36.84 68.01
N TRP F 192 -6.19 -35.88 68.78
CA TRP F 192 -5.38 -35.06 69.66
C TRP F 192 -5.81 -35.28 71.10
N PRO F 193 -4.88 -35.59 72.03
CA PRO F 193 -3.44 -35.72 71.84
C PRO F 193 -2.97 -37.13 71.49
N SER F 194 -3.80 -37.86 70.74
CA SER F 194 -3.38 -39.16 70.23
C SER F 194 -2.24 -39.02 69.23
N GLN F 195 -2.26 -37.95 68.44
CA GLN F 195 -1.19 -37.67 67.48
C GLN F 195 -0.37 -36.51 68.05
N THR F 196 0.69 -36.85 68.77
CA THR F 196 1.68 -35.86 69.18
C THR F 196 2.50 -35.46 67.97
N VAL F 197 2.32 -34.22 67.51
CA VAL F 197 2.84 -33.81 66.21
C VAL F 197 4.34 -33.58 66.29
N THR F 198 4.98 -33.58 65.11
CA THR F 198 6.43 -33.54 64.99
C THR F 198 6.82 -32.37 64.08
N CYS F 199 7.07 -31.21 64.67
CA CYS F 199 7.70 -30.13 63.91
C CYS F 199 9.17 -30.46 63.69
N SER F 200 9.65 -30.19 62.48
CA SER F 200 11.04 -30.47 62.12
C SER F 200 11.54 -29.36 61.21
N VAL F 201 12.42 -28.53 61.74
CA VAL F 201 13.00 -27.45 60.95
C VAL F 201 14.27 -27.98 60.29
N ALA F 202 14.61 -27.41 59.15
CA ALA F 202 15.81 -27.79 58.41
C ALA F 202 16.41 -26.52 57.81
N HIS F 203 17.53 -26.07 58.37
CA HIS F 203 18.23 -24.87 57.90
C HIS F 203 19.60 -25.28 57.39
N PRO F 204 19.79 -25.40 56.08
CA PRO F 204 21.07 -25.90 55.56
C PRO F 204 22.21 -24.90 55.65
N ALA F 205 21.95 -23.64 55.96
CA ALA F 205 23.03 -22.67 56.08
C ALA F 205 23.80 -22.86 57.38
N SER F 206 23.09 -22.96 58.49
CA SER F 206 23.72 -23.14 59.79
C SER F 206 23.86 -24.60 60.20
N SER F 207 23.31 -25.52 59.38
CA SER F 207 23.28 -26.96 59.64
C SER F 207 22.62 -27.29 60.98
N THR F 208 21.54 -26.57 61.28
CA THR F 208 20.79 -26.75 62.52
C THR F 208 19.40 -27.27 62.18
N THR F 209 19.22 -28.58 62.34
CA THR F 209 17.93 -29.24 62.13
C THR F 209 17.47 -29.78 63.48
N VAL F 210 16.76 -28.97 64.24
CA VAL F 210 16.23 -29.37 65.54
C VAL F 210 14.76 -29.71 65.39
N ASP F 211 14.30 -30.68 66.16
CA ASP F 211 12.91 -31.14 66.12
C ASP F 211 12.22 -30.77 67.42
N LYS F 212 10.91 -31.03 67.45
CA LYS F 212 10.06 -30.63 68.56
C LYS F 212 8.75 -31.41 68.55
N LYS F 213 8.36 -31.94 69.71
CA LYS F 213 7.12 -32.69 69.85
C LYS F 213 6.25 -32.06 70.94
N LEU F 214 4.97 -32.39 70.91
CA LEU F 214 4.02 -31.88 71.89
C LEU F 214 3.09 -32.97 72.38
#